data_2PK4
# 
_entry.id   2PK4 
# 
_audit_conform.dict_name       mmcif_pdbx.dic 
_audit_conform.dict_version    5.397 
_audit_conform.dict_location   http://mmcif.pdb.org/dictionaries/ascii/mmcif_pdbx.dic 
# 
loop_
_database_2.database_id 
_database_2.database_code 
_database_2.pdbx_database_accession 
_database_2.pdbx_DOI 
PDB   2PK4         pdb_00002pk4 10.2210/pdb2pk4/pdb 
WWPDB D_1000178476 ?            ?                   
# 
loop_
_pdbx_audit_revision_history.ordinal 
_pdbx_audit_revision_history.data_content_type 
_pdbx_audit_revision_history.major_revision 
_pdbx_audit_revision_history.minor_revision 
_pdbx_audit_revision_history.revision_date 
1 'Structure model' 1 0 1993-10-31 
2 'Structure model' 1 1 2008-03-03 
3 'Structure model' 1 2 2011-07-13 
4 'Structure model' 1 3 2017-11-29 
5 'Structure model' 2 0 2023-11-15 
6 'Structure model' 2 1 2024-10-30 
# 
_pdbx_audit_revision_details.ordinal             1 
_pdbx_audit_revision_details.revision_ordinal    1 
_pdbx_audit_revision_details.data_content_type   'Structure model' 
_pdbx_audit_revision_details.provider            repository 
_pdbx_audit_revision_details.type                'Initial release' 
_pdbx_audit_revision_details.description         ? 
_pdbx_audit_revision_details.details             ? 
# 
loop_
_pdbx_audit_revision_group.ordinal 
_pdbx_audit_revision_group.revision_ordinal 
_pdbx_audit_revision_group.data_content_type 
_pdbx_audit_revision_group.group 
1  2 'Structure model' 'Version format compliance' 
2  3 'Structure model' 'Version format compliance' 
3  4 'Structure model' 'Derived calculations'      
4  4 'Structure model' Other                       
5  5 'Structure model' Advisory                    
6  5 'Structure model' 'Atomic model'              
7  5 'Structure model' 'Data collection'           
8  5 'Structure model' 'Database references'       
9  5 'Structure model' 'Derived calculations'      
10 6 'Structure model' 'Structure summary'         
# 
loop_
_pdbx_audit_revision_category.ordinal 
_pdbx_audit_revision_category.revision_ordinal 
_pdbx_audit_revision_category.data_content_type 
_pdbx_audit_revision_category.category 
1  4 'Structure model' pdbx_database_status        
2  4 'Structure model' struct_conf                 
3  5 'Structure model' atom_site                   
4  5 'Structure model' chem_comp_atom              
5  5 'Structure model' chem_comp_bond              
6  5 'Structure model' database_2                  
7  5 'Structure model' pdbx_validate_close_contact 
8  5 'Structure model' struct_site                 
9  6 'Structure model' pdbx_entry_details          
10 6 'Structure model' pdbx_modification_feature   
# 
loop_
_pdbx_audit_revision_item.ordinal 
_pdbx_audit_revision_item.revision_ordinal 
_pdbx_audit_revision_item.data_content_type 
_pdbx_audit_revision_item.item 
1  4 'Structure model' '_pdbx_database_status.process_site'           
2  5 'Structure model' '_atom_site.auth_atom_id'                      
3  5 'Structure model' '_atom_site.label_atom_id'                     
4  5 'Structure model' '_database_2.pdbx_DOI'                         
5  5 'Structure model' '_database_2.pdbx_database_accession'          
6  5 'Structure model' '_pdbx_validate_close_contact.auth_atom_id_2'  
7  5 'Structure model' '_struct_site.pdbx_auth_asym_id'               
8  5 'Structure model' '_struct_site.pdbx_auth_comp_id'               
9  5 'Structure model' '_struct_site.pdbx_auth_seq_id'                
10 6 'Structure model' '_pdbx_entry_details.has_protein_modification' 
# 
_pdbx_database_status.status_code                     REL 
_pdbx_database_status.entry_id                        2PK4 
_pdbx_database_status.recvd_initial_deposition_date   1991-07-18 
_pdbx_database_status.deposit_site                    ? 
_pdbx_database_status.process_site                    BNL 
_pdbx_database_status.SG_entry                        . 
_pdbx_database_status.pdb_format_compatible           Y 
_pdbx_database_status.status_code_mr                  ? 
_pdbx_database_status.status_code_sf                  ? 
_pdbx_database_status.status_code_cs                  ? 
_pdbx_database_status.methods_development_category    ? 
_pdbx_database_status.status_code_nmr_data            ? 
# 
loop_
_audit_author.name 
_audit_author.pdbx_ordinal 
'Tulinsky, A.' 1 
'Wu, T.-P.'    2 
# 
loop_
_citation.id 
_citation.title 
_citation.journal_abbrev 
_citation.journal_volume 
_citation.page_first 
_citation.page_last 
_citation.year 
_citation.journal_id_ASTM 
_citation.country 
_citation.journal_id_ISSN 
_citation.journal_id_CSD 
_citation.book_publisher 
_citation.pdbx_database_id_PubMed 
_citation.pdbx_database_id_DOI 
primary 'The refined structure of the epsilon-aminocaproic acid complex of human plasminogen kringle 4.'        Biochemistry 30  
10589 10594 1991 BICHAW US 0006-2960 0033 ? 1657149 10.1021/bi00107a030 
1       'Structure of Bovine Prothrombin Fragment 1 Refined at 2.25 Angstroms Resolution'                       J.Mol.Biol. 220 
481   ?     1991 JMOBAK UK 0022-2836 0070 ? ?       ?                   
2       'Structure of the Lysine-Fibrin Binding Subsite of Human Plasminogen Kringle 4'                         
'Blood Coagulation Fibrinolysis' 1   673   ?     1990 BLFIE7 UK 0957-5235 0796 ? ?       ?                   
3       'Lysine(Slash)Fibrin Binding Sites of Kringles Modeled After the Structure of Kringle 1 of Prothrombin' Proteins 3   85    
?     1988 PSFGEY US 0887-3585 0867 ? ?       ?                   
4       'Structure of Prothrombin Fragment 1 Refined at 2.8 Angstroms Resolution'                               J.Mol.Biol. 202 
885   ?     1988 JMOBAK UK 0022-2836 0070 ? ?       ?                   
# 
loop_
_citation_author.citation_id 
_citation_author.name 
_citation_author.ordinal 
_citation_author.identifier_ORCID 
primary 'Wu, T.P.'              1  ? 
primary 'Padmanabhan, K.'       2  ? 
primary 'Tulinsky, A.'          3  ? 
primary 'Mulichak, A.M.'        4  ? 
1       'Seshadri, T.P.'        5  ? 
1       'Tulinsky, A.'          6  ? 
1       'Skrzypczak-Jankun, E.' 7  ? 
1       'Park, C.H.'            8  ? 
2       'Mulichak, A.M.'        9  ? 
2       'Tulinsky, A.'          10 ? 
3       'Tulinsky, A.'          11 ? 
3       'Park, C.H.'            12 ? 
3       'Mao, B.'               13 ? 
3       'Llinas, M.'            14 ? 
4       'Tulinsky, A.'          15 ? 
4       'Park, C.H.'            16 ? 
4       'Skrzypczak-Jankun, E.' 17 ? 
# 
loop_
_entity.id 
_entity.type 
_entity.src_method 
_entity.pdbx_description 
_entity.formula_weight 
_entity.pdbx_number_of_molecules 
_entity.pdbx_ec 
_entity.pdbx_mutation 
_entity.pdbx_fragment 
_entity.details 
1 polymer     man 'HUMAN PLASMINOGEN KRINGLE 4' 9169.110 1   ? ? ? ? 
2 non-polymer syn '6-AMINOHEXANOIC ACID'        131.173  1   ? ? ? ? 
3 water       nat water                         18.015   106 ? ? ? ? 
# 
_entity_poly.entity_id                      1 
_entity_poly.type                           'polypeptide(L)' 
_entity_poly.nstd_linkage                   no 
_entity_poly.nstd_monomer                   no 
_entity_poly.pdbx_seq_one_letter_code       QDCYHGDGQSYRGTSSTTTTGKKCQSWSSMTPHRHQKTPENYPNAGLTMNYCRNPDADKGPWCFTTDPSVRWEYCNLKKC 
_entity_poly.pdbx_seq_one_letter_code_can   QDCYHGDGQSYRGTSSTTTTGKKCQSWSSMTPHRHQKTPENYPNAGLTMNYCRNPDADKGPWCFTTDPSVRWEYCNLKKC 
_entity_poly.pdbx_strand_id                 A 
_entity_poly.pdbx_target_identifier         ? 
# 
loop_
_pdbx_entity_nonpoly.entity_id 
_pdbx_entity_nonpoly.name 
_pdbx_entity_nonpoly.comp_id 
2 '6-AMINOHEXANOIC ACID' ACA 
3 water                  HOH 
# 
loop_
_entity_poly_seq.entity_id 
_entity_poly_seq.num 
_entity_poly_seq.mon_id 
_entity_poly_seq.hetero 
1 1  GLN n 
1 2  ASP n 
1 3  CYS n 
1 4  TYR n 
1 5  HIS n 
1 6  GLY n 
1 7  ASP n 
1 8  GLY n 
1 9  GLN n 
1 10 SER n 
1 11 TYR n 
1 12 ARG n 
1 13 GLY n 
1 14 THR n 
1 15 SER n 
1 16 SER n 
1 17 THR n 
1 18 THR n 
1 19 THR n 
1 20 THR n 
1 21 GLY n 
1 22 LYS n 
1 23 LYS n 
1 24 CYS n 
1 25 GLN n 
1 26 SER n 
1 27 TRP n 
1 28 SER n 
1 29 SER n 
1 30 MET n 
1 31 THR n 
1 32 PRO n 
1 33 HIS n 
1 34 ARG n 
1 35 HIS n 
1 36 GLN n 
1 37 LYS n 
1 38 THR n 
1 39 PRO n 
1 40 GLU n 
1 41 ASN n 
1 42 TYR n 
1 43 PRO n 
1 44 ASN n 
1 45 ALA n 
1 46 GLY n 
1 47 LEU n 
1 48 THR n 
1 49 MET n 
1 50 ASN n 
1 51 TYR n 
1 52 CYS n 
1 53 ARG n 
1 54 ASN n 
1 55 PRO n 
1 56 ASP n 
1 57 ALA n 
1 58 ASP n 
1 59 LYS n 
1 60 GLY n 
1 61 PRO n 
1 62 TRP n 
1 63 CYS n 
1 64 PHE n 
1 65 THR n 
1 66 THR n 
1 67 ASP n 
1 68 PRO n 
1 69 SER n 
1 70 VAL n 
1 71 ARG n 
1 72 TRP n 
1 73 GLU n 
1 74 TYR n 
1 75 CYS n 
1 76 ASN n 
1 77 LEU n 
1 78 LYS n 
1 79 LYS n 
1 80 CYS n 
# 
_entity_src_gen.entity_id                          1 
_entity_src_gen.pdbx_src_id                        1 
_entity_src_gen.pdbx_alt_source_flag               sample 
_entity_src_gen.pdbx_seq_type                      ? 
_entity_src_gen.pdbx_beg_seq_num                   ? 
_entity_src_gen.pdbx_end_seq_num                   ? 
_entity_src_gen.gene_src_common_name               human 
_entity_src_gen.gene_src_genus                     Homo 
_entity_src_gen.pdbx_gene_src_gene                 ? 
_entity_src_gen.gene_src_species                   ? 
_entity_src_gen.gene_src_strain                    ? 
_entity_src_gen.gene_src_tissue                    ? 
_entity_src_gen.gene_src_tissue_fraction           ? 
_entity_src_gen.gene_src_details                   ? 
_entity_src_gen.pdbx_gene_src_fragment             ? 
_entity_src_gen.pdbx_gene_src_scientific_name      'Homo sapiens' 
_entity_src_gen.pdbx_gene_src_ncbi_taxonomy_id     9606 
_entity_src_gen.pdbx_gene_src_variant              ? 
_entity_src_gen.pdbx_gene_src_cell_line            ? 
_entity_src_gen.pdbx_gene_src_atcc                 ? 
_entity_src_gen.pdbx_gene_src_organ                ? 
_entity_src_gen.pdbx_gene_src_organelle            ? 
_entity_src_gen.pdbx_gene_src_cell                 ? 
_entity_src_gen.pdbx_gene_src_cellular_location    ? 
_entity_src_gen.host_org_common_name               ? 
_entity_src_gen.pdbx_host_org_scientific_name      ? 
_entity_src_gen.pdbx_host_org_ncbi_taxonomy_id     ? 
_entity_src_gen.host_org_genus                     ? 
_entity_src_gen.pdbx_host_org_gene                 ? 
_entity_src_gen.pdbx_host_org_organ                ? 
_entity_src_gen.host_org_species                   ? 
_entity_src_gen.pdbx_host_org_tissue               ? 
_entity_src_gen.pdbx_host_org_tissue_fraction      ? 
_entity_src_gen.pdbx_host_org_strain               ? 
_entity_src_gen.pdbx_host_org_variant              ? 
_entity_src_gen.pdbx_host_org_cell_line            ? 
_entity_src_gen.pdbx_host_org_atcc                 ? 
_entity_src_gen.pdbx_host_org_culture_collection   ? 
_entity_src_gen.pdbx_host_org_cell                 ? 
_entity_src_gen.pdbx_host_org_organelle            ? 
_entity_src_gen.pdbx_host_org_cellular_location    ? 
_entity_src_gen.pdbx_host_org_vector_type          ? 
_entity_src_gen.pdbx_host_org_vector               ? 
_entity_src_gen.host_org_details                   ? 
_entity_src_gen.expression_system_id               ? 
_entity_src_gen.plasmid_name                       ? 
_entity_src_gen.plasmid_details                    ? 
_entity_src_gen.pdbx_description                   ? 
# 
loop_
_chem_comp.id 
_chem_comp.type 
_chem_comp.mon_nstd_flag 
_chem_comp.name 
_chem_comp.pdbx_synonyms 
_chem_comp.formula 
_chem_comp.formula_weight 
ACA 'peptide linking'   . '6-AMINOHEXANOIC ACID' 'AMINOCAPROIC ACID' 'C6 H13 N O2'    131.173 
ALA 'L-peptide linking' y ALANINE                ?                   'C3 H7 N O2'     89.093  
ARG 'L-peptide linking' y ARGININE               ?                   'C6 H15 N4 O2 1' 175.209 
ASN 'L-peptide linking' y ASPARAGINE             ?                   'C4 H8 N2 O3'    132.118 
ASP 'L-peptide linking' y 'ASPARTIC ACID'        ?                   'C4 H7 N O4'     133.103 
CYS 'L-peptide linking' y CYSTEINE               ?                   'C3 H7 N O2 S'   121.158 
GLN 'L-peptide linking' y GLUTAMINE              ?                   'C5 H10 N2 O3'   146.144 
GLU 'L-peptide linking' y 'GLUTAMIC ACID'        ?                   'C5 H9 N O4'     147.129 
GLY 'peptide linking'   y GLYCINE                ?                   'C2 H5 N O2'     75.067  
HIS 'L-peptide linking' y HISTIDINE              ?                   'C6 H10 N3 O2 1' 156.162 
HOH non-polymer         . WATER                  ?                   'H2 O'           18.015  
LEU 'L-peptide linking' y LEUCINE                ?                   'C6 H13 N O2'    131.173 
LYS 'L-peptide linking' y LYSINE                 ?                   'C6 H15 N2 O2 1' 147.195 
MET 'L-peptide linking' y METHIONINE             ?                   'C5 H11 N O2 S'  149.211 
PHE 'L-peptide linking' y PHENYLALANINE          ?                   'C9 H11 N O2'    165.189 
PRO 'L-peptide linking' y PROLINE                ?                   'C5 H9 N O2'     115.130 
SER 'L-peptide linking' y SERINE                 ?                   'C3 H7 N O3'     105.093 
THR 'L-peptide linking' y THREONINE              ?                   'C4 H9 N O3'     119.119 
TRP 'L-peptide linking' y TRYPTOPHAN             ?                   'C11 H12 N2 O2'  204.225 
TYR 'L-peptide linking' y TYROSINE               ?                   'C9 H11 N O3'    181.189 
VAL 'L-peptide linking' y VALINE                 ?                   'C5 H11 N O2'    117.146 
# 
loop_
_pdbx_poly_seq_scheme.asym_id 
_pdbx_poly_seq_scheme.entity_id 
_pdbx_poly_seq_scheme.seq_id 
_pdbx_poly_seq_scheme.mon_id 
_pdbx_poly_seq_scheme.ndb_seq_num 
_pdbx_poly_seq_scheme.pdb_seq_num 
_pdbx_poly_seq_scheme.auth_seq_num 
_pdbx_poly_seq_scheme.pdb_mon_id 
_pdbx_poly_seq_scheme.auth_mon_id 
_pdbx_poly_seq_scheme.pdb_strand_id 
_pdbx_poly_seq_scheme.pdb_ins_code 
_pdbx_poly_seq_scheme.hetero 
A 1 1  GLN 1  -1 -1 GLN GLN A . n 
A 1 2  ASP 2  0  0  ASP ASP A . n 
A 1 3  CYS 3  1  1  CYS CYS A . n 
A 1 4  TYR 4  2  2  TYR TYR A . n 
A 1 5  HIS 5  3  3  HIS HIS A . n 
A 1 6  GLY 6  4  4  GLY GLY A . n 
A 1 7  ASP 7  5  5  ASP ASP A . n 
A 1 8  GLY 8  6  6  GLY GLY A . n 
A 1 9  GLN 9  7  7  GLN GLN A . n 
A 1 10 SER 10 8  8  SER SER A . n 
A 1 11 TYR 11 9  9  TYR TYR A . n 
A 1 12 ARG 12 10 10 ARG ARG A . n 
A 1 13 GLY 13 11 11 GLY GLY A . n 
A 1 14 THR 14 12 12 THR THR A . n 
A 1 15 SER 15 13 13 SER SER A . n 
A 1 16 SER 16 14 14 SER SER A . n 
A 1 17 THR 17 15 15 THR THR A . n 
A 1 18 THR 18 16 16 THR THR A . n 
A 1 19 THR 19 17 17 THR THR A . n 
A 1 20 THR 20 18 18 THR THR A . n 
A 1 21 GLY 21 19 19 GLY GLY A . n 
A 1 22 LYS 22 20 20 LYS LYS A . n 
A 1 23 LYS 23 21 21 LYS LYS A . n 
A 1 24 CYS 24 22 22 CYS CYS A . n 
A 1 25 GLN 25 23 23 GLN GLN A . n 
A 1 26 SER 26 24 24 SER SER A . n 
A 1 27 TRP 27 25 25 TRP TRP A . n 
A 1 28 SER 28 26 26 SER SER A . n 
A 1 29 SER 29 27 27 SER SER A . n 
A 1 30 MET 30 28 28 MET MET A . n 
A 1 31 THR 31 29 29 THR THR A . n 
A 1 32 PRO 32 30 30 PRO PRO A . n 
A 1 33 HIS 33 31 31 HIS HIS A . n 
A 1 34 ARG 34 32 32 ARG ARG A . n 
A 1 35 HIS 35 33 33 HIS HIS A . n 
A 1 36 GLN 36 34 34 GLN GLN A . n 
A 1 37 LYS 37 35 35 LYS LYS A . n 
A 1 38 THR 38 37 37 THR THR A . n 
A 1 39 PRO 39 38 38 PRO PRO A . n 
A 1 40 GLU 40 39 39 GLU GLU A . n 
A 1 41 ASN 41 40 40 ASN ASN A . n 
A 1 42 TYR 42 41 41 TYR TYR A . n 
A 1 43 PRO 43 42 42 PRO PRO A . n 
A 1 44 ASN 44 43 43 ASN ASN A . n 
A 1 45 ALA 45 44 44 ALA ALA A . n 
A 1 46 GLY 46 45 45 GLY GLY A . n 
A 1 47 LEU 47 46 46 LEU LEU A . n 
A 1 48 THR 48 47 47 THR THR A . n 
A 1 49 MET 49 48 48 MET MET A . n 
A 1 50 ASN 50 49 49 ASN ASN A . n 
A 1 51 TYR 51 50 50 TYR TYR A . n 
A 1 52 CYS 52 51 51 CYS CYS A . n 
A 1 53 ARG 53 52 52 ARG ARG A . n 
A 1 54 ASN 54 53 53 ASN ASN A . n 
A 1 55 PRO 55 54 54 PRO PRO A . n 
A 1 56 ASP 56 55 55 ASP ASP A . n 
A 1 57 ALA 57 56 56 ALA ALA A . n 
A 1 58 ASP 58 57 57 ASP ASP A . n 
A 1 59 LYS 59 58 58 LYS LYS A . n 
A 1 60 GLY 60 60 60 GLY GLY A . n 
A 1 61 PRO 61 61 61 PRO PRO A . n 
A 1 62 TRP 62 62 62 TRP TRP A . n 
A 1 63 CYS 63 63 63 CYS CYS A . n 
A 1 64 PHE 64 64 64 PHE PHE A . n 
A 1 65 THR 65 65 65 THR THR A . n 
A 1 66 THR 66 66 66 THR THR A . n 
A 1 67 ASP 67 67 67 ASP ASP A . n 
A 1 68 PRO 68 68 68 PRO PRO A . n 
A 1 69 SER 69 69 69 SER SER A . n 
A 1 70 VAL 70 70 70 VAL VAL A . n 
A 1 71 ARG 71 71 71 ARG ARG A . n 
A 1 72 TRP 72 72 72 TRP TRP A . n 
A 1 73 GLU 73 73 73 GLU GLU A . n 
A 1 74 TYR 74 74 74 TYR TYR A . n 
A 1 75 CYS 75 75 75 CYS CYS A . n 
A 1 76 ASN 76 76 76 ASN ASN A . n 
A 1 77 LEU 77 77 77 LEU LEU A . n 
A 1 78 LYS 78 78 78 LYS LYS A . n 
A 1 79 LYS 79 79 79 LYS LYS A . n 
A 1 80 CYS 80 80 80 CYS CYS A . n 
# 
loop_
_pdbx_nonpoly_scheme.asym_id 
_pdbx_nonpoly_scheme.entity_id 
_pdbx_nonpoly_scheme.mon_id 
_pdbx_nonpoly_scheme.ndb_seq_num 
_pdbx_nonpoly_scheme.pdb_seq_num 
_pdbx_nonpoly_scheme.auth_seq_num 
_pdbx_nonpoly_scheme.pdb_mon_id 
_pdbx_nonpoly_scheme.auth_mon_id 
_pdbx_nonpoly_scheme.pdb_strand_id 
_pdbx_nonpoly_scheme.pdb_ins_code 
B 2 ACA 1   100 100 ACA ACA A . 
C 3 HOH 1   101 1   HOH HOH A . 
C 3 HOH 2   102 2   HOH HOH A . 
C 3 HOH 3   103 3   HOH HOH A . 
C 3 HOH 4   104 4   HOH HOH A . 
C 3 HOH 5   105 5   HOH HOH A . 
C 3 HOH 6   106 6   HOH HOH A . 
C 3 HOH 7   107 7   HOH HOH A . 
C 3 HOH 8   108 8   HOH HOH A . 
C 3 HOH 9   109 9   HOH HOH A . 
C 3 HOH 10  110 10  HOH HOH A . 
C 3 HOH 11  111 11  HOH HOH A . 
C 3 HOH 12  112 12  HOH HOH A . 
C 3 HOH 13  113 13  HOH HOH A . 
C 3 HOH 14  114 14  HOH HOH A . 
C 3 HOH 15  115 15  HOH HOH A . 
C 3 HOH 16  116 16  HOH HOH A . 
C 3 HOH 17  117 17  HOH HOH A . 
C 3 HOH 18  118 18  HOH HOH A . 
C 3 HOH 19  119 19  HOH HOH A . 
C 3 HOH 20  120 20  HOH HOH A . 
C 3 HOH 21  121 21  HOH HOH A . 
C 3 HOH 22  122 22  HOH HOH A . 
C 3 HOH 23  123 23  HOH HOH A . 
C 3 HOH 24  124 24  HOH HOH A . 
C 3 HOH 25  125 25  HOH HOH A . 
C 3 HOH 26  126 26  HOH HOH A . 
C 3 HOH 27  127 27  HOH HOH A . 
C 3 HOH 28  128 28  HOH HOH A . 
C 3 HOH 29  129 29  HOH HOH A . 
C 3 HOH 30  130 30  HOH HOH A . 
C 3 HOH 31  131 31  HOH HOH A . 
C 3 HOH 32  132 32  HOH HOH A . 
C 3 HOH 33  133 33  HOH HOH A . 
C 3 HOH 34  134 34  HOH HOH A . 
C 3 HOH 35  135 35  HOH HOH A . 
C 3 HOH 36  136 36  HOH HOH A . 
C 3 HOH 37  137 37  HOH HOH A . 
C 3 HOH 38  138 38  HOH HOH A . 
C 3 HOH 39  139 39  HOH HOH A . 
C 3 HOH 40  140 40  HOH HOH A . 
C 3 HOH 41  141 41  HOH HOH A . 
C 3 HOH 42  142 42  HOH HOH A . 
C 3 HOH 43  143 43  HOH HOH A . 
C 3 HOH 44  144 44  HOH HOH A . 
C 3 HOH 45  145 45  HOH HOH A . 
C 3 HOH 46  146 46  HOH HOH A . 
C 3 HOH 47  147 47  HOH HOH A . 
C 3 HOH 48  148 48  HOH HOH A . 
C 3 HOH 49  149 49  HOH HOH A . 
C 3 HOH 50  150 50  HOH HOH A . 
C 3 HOH 51  151 51  HOH HOH A . 
C 3 HOH 52  152 52  HOH HOH A . 
C 3 HOH 53  153 53  HOH HOH A . 
C 3 HOH 54  154 54  HOH HOH A . 
C 3 HOH 55  155 55  HOH HOH A . 
C 3 HOH 56  156 56  HOH HOH A . 
C 3 HOH 57  157 57  HOH HOH A . 
C 3 HOH 58  158 58  HOH HOH A . 
C 3 HOH 59  159 59  HOH HOH A . 
C 3 HOH 60  160 60  HOH HOH A . 
C 3 HOH 61  161 61  HOH HOH A . 
C 3 HOH 62  162 62  HOH HOH A . 
C 3 HOH 63  163 63  HOH HOH A . 
C 3 HOH 64  164 64  HOH HOH A . 
C 3 HOH 65  165 65  HOH HOH A . 
C 3 HOH 66  166 66  HOH HOH A . 
C 3 HOH 67  167 67  HOH HOH A . 
C 3 HOH 68  168 68  HOH HOH A . 
C 3 HOH 69  169 69  HOH HOH A . 
C 3 HOH 70  170 70  HOH HOH A . 
C 3 HOH 71  171 71  HOH HOH A . 
C 3 HOH 72  172 72  HOH HOH A . 
C 3 HOH 73  173 73  HOH HOH A . 
C 3 HOH 74  174 74  HOH HOH A . 
C 3 HOH 75  175 75  HOH HOH A . 
C 3 HOH 76  176 76  HOH HOH A . 
C 3 HOH 77  177 77  HOH HOH A . 
C 3 HOH 78  178 78  HOH HOH A . 
C 3 HOH 79  179 79  HOH HOH A . 
C 3 HOH 80  180 80  HOH HOH A . 
C 3 HOH 81  181 81  HOH HOH A . 
C 3 HOH 82  182 82  HOH HOH A . 
C 3 HOH 83  183 83  HOH HOH A . 
C 3 HOH 84  184 84  HOH HOH A . 
C 3 HOH 85  185 85  HOH HOH A . 
C 3 HOH 86  186 86  HOH HOH A . 
C 3 HOH 87  187 87  HOH HOH A . 
C 3 HOH 88  188 88  HOH HOH A . 
C 3 HOH 89  189 89  HOH HOH A . 
C 3 HOH 90  190 90  HOH HOH A . 
C 3 HOH 91  191 91  HOH HOH A . 
C 3 HOH 92  192 92  HOH HOH A . 
C 3 HOH 93  193 93  HOH HOH A . 
C 3 HOH 94  194 94  HOH HOH A . 
C 3 HOH 95  195 95  HOH HOH A . 
C 3 HOH 96  196 96  HOH HOH A . 
C 3 HOH 97  197 97  HOH HOH A . 
C 3 HOH 98  198 98  HOH HOH A . 
C 3 HOH 99  199 99  HOH HOH A . 
C 3 HOH 100 200 100 HOH HOH A . 
C 3 HOH 101 201 101 HOH HOH A . 
C 3 HOH 102 202 102 HOH HOH A . 
C 3 HOH 103 203 103 HOH HOH A . 
C 3 HOH 104 204 104 HOH HOH A . 
C 3 HOH 105 205 105 HOH HOH A . 
C 3 HOH 106 206 106 HOH HOH A . 
# 
loop_
_pdbx_unobs_or_zero_occ_atoms.id 
_pdbx_unobs_or_zero_occ_atoms.PDB_model_num 
_pdbx_unobs_or_zero_occ_atoms.polymer_flag 
_pdbx_unobs_or_zero_occ_atoms.occupancy_flag 
_pdbx_unobs_or_zero_occ_atoms.auth_asym_id 
_pdbx_unobs_or_zero_occ_atoms.auth_comp_id 
_pdbx_unobs_or_zero_occ_atoms.auth_seq_id 
_pdbx_unobs_or_zero_occ_atoms.PDB_ins_code 
_pdbx_unobs_or_zero_occ_atoms.auth_atom_id 
_pdbx_unobs_or_zero_occ_atoms.label_alt_id 
_pdbx_unobs_or_zero_occ_atoms.label_asym_id 
_pdbx_unobs_or_zero_occ_atoms.label_comp_id 
_pdbx_unobs_or_zero_occ_atoms.label_seq_id 
_pdbx_unobs_or_zero_occ_atoms.label_atom_id 
1 1 Y 1 A THR 18 ? OG1 ? A THR 20 OG1 
2 1 Y 1 A THR 18 ? CG2 ? A THR 20 CG2 
3 1 Y 1 A ARG 32 ? CG  ? A ARG 34 CG  
4 1 Y 1 A ARG 32 ? CD  ? A ARG 34 CD  
5 1 Y 1 A ARG 32 ? NE  ? A ARG 34 NE  
6 1 Y 1 A ARG 32 ? CZ  ? A ARG 34 CZ  
7 1 Y 1 A ARG 32 ? NH1 ? A ARG 34 NH1 
8 1 Y 1 A ARG 32 ? NH2 ? A ARG 34 NH2 
# 
_software.name             PROFFT 
_software.classification   refinement 
_software.version          . 
_software.citation_id      ? 
_software.pdbx_ordinal     1 
# 
_cell.entry_id           2PK4 
_cell.length_a           42.210 
_cell.length_b           35.460 
_cell.length_c           25.430 
_cell.angle_alpha        90.00 
_cell.angle_beta         102.94 
_cell.angle_gamma        90.00 
_cell.Z_PDB              2 
_cell.pdbx_unique_axis   ? 
# 
_symmetry.entry_id                         2PK4 
_symmetry.space_group_name_H-M             'P 1 21 1' 
_symmetry.pdbx_full_space_group_name_H-M   ? 
_symmetry.cell_setting                     ? 
_symmetry.Int_Tables_number                4 
# 
_exptl.entry_id          2PK4 
_exptl.method            'X-RAY DIFFRACTION' 
_exptl.crystals_number   ? 
# 
_exptl_crystal.id                    1 
_exptl_crystal.density_meas          ? 
_exptl_crystal.density_Matthews      2.02 
_exptl_crystal.density_percent_sol   39.16 
_exptl_crystal.description           ? 
# 
_refine.entry_id                                 2PK4 
_refine.ls_number_reflns_obs                     ? 
_refine.ls_number_reflns_all                     ? 
_refine.pdbx_ls_sigma_I                          ? 
_refine.pdbx_ls_sigma_F                          ? 
_refine.pdbx_data_cutoff_high_absF               ? 
_refine.pdbx_data_cutoff_low_absF                ? 
_refine.pdbx_data_cutoff_high_rms_absF           ? 
_refine.ls_d_res_low                             ? 
_refine.ls_d_res_high                            2.25 
_refine.ls_percent_reflns_obs                    ? 
_refine.ls_R_factor_obs                          0.148 
_refine.ls_R_factor_all                          ? 
_refine.ls_R_factor_R_work                       ? 
_refine.ls_R_factor_R_free                       ? 
_refine.ls_R_factor_R_free_error                 ? 
_refine.ls_R_factor_R_free_error_details         ? 
_refine.ls_percent_reflns_R_free                 ? 
_refine.ls_number_reflns_R_free                  ? 
_refine.ls_number_parameters                     ? 
_refine.ls_number_restraints                     ? 
_refine.occupancy_min                            ? 
_refine.occupancy_max                            ? 
_refine.B_iso_mean                               ? 
_refine.aniso_B[1][1]                            ? 
_refine.aniso_B[2][2]                            ? 
_refine.aniso_B[3][3]                            ? 
_refine.aniso_B[1][2]                            ? 
_refine.aniso_B[1][3]                            ? 
_refine.aniso_B[2][3]                            ? 
_refine.solvent_model_details                    ? 
_refine.solvent_model_param_ksol                 ? 
_refine.solvent_model_param_bsol                 ? 
_refine.pdbx_ls_cross_valid_method               ? 
_refine.details                                  
;RESIDUES THR 18 AND ARG 32 HAD NO ELECTRON DENSITY AND WERE
THEREFORE REFINED AS ALA.
;
_refine.pdbx_starting_model                      ? 
_refine.pdbx_method_to_determine_struct          ? 
_refine.pdbx_isotropic_thermal_model             ? 
_refine.pdbx_stereochemistry_target_values       ? 
_refine.pdbx_stereochem_target_val_spec_case     ? 
_refine.pdbx_R_Free_selection_details            ? 
_refine.pdbx_overall_ESU_R                       ? 
_refine.pdbx_overall_ESU_R_Free                  ? 
_refine.overall_SU_ML                            ? 
_refine.overall_SU_B                             ? 
_refine.pdbx_refine_id                           'X-RAY DIFFRACTION' 
_refine.pdbx_diffrn_id                           1 
_refine.pdbx_TLS_residual_ADP_flag               ? 
_refine.correlation_coeff_Fo_to_Fc               ? 
_refine.correlation_coeff_Fo_to_Fc_free          ? 
_refine.pdbx_solvent_vdw_probe_radii             ? 
_refine.pdbx_solvent_ion_probe_radii             ? 
_refine.pdbx_solvent_shrinkage_radii             ? 
_refine.pdbx_overall_phase_error                 ? 
_refine.overall_SU_R_Cruickshank_DPI             ? 
_refine.pdbx_overall_SU_R_free_Cruickshank_DPI   ? 
_refine.pdbx_overall_SU_R_Blow_DPI               ? 
_refine.pdbx_overall_SU_R_free_Blow_DPI          ? 
# 
_refine_hist.pdbx_refine_id                   'X-RAY DIFFRACTION' 
_refine_hist.cycle_id                         LAST 
_refine_hist.pdbx_number_atoms_protein        630 
_refine_hist.pdbx_number_atoms_nucleic_acid   0 
_refine_hist.pdbx_number_atoms_ligand         9 
_refine_hist.number_atoms_solvent             106 
_refine_hist.number_atoms_total               745 
_refine_hist.d_res_high                       2.25 
_refine_hist.d_res_low                        . 
# 
loop_
_refine_ls_restr.type 
_refine_ls_restr.dev_ideal 
_refine_ls_restr.dev_ideal_target 
_refine_ls_restr.weight 
_refine_ls_restr.number 
_refine_ls_restr.pdbx_refine_id 
_refine_ls_restr.pdbx_restraint_function 
p_bond_d            0.017 ? ? ? 'X-RAY DIFFRACTION' ? 
p_angle_d           ?     ? ? ? 'X-RAY DIFFRACTION' ? 
p_angle_deg         ?     ? ? ? 'X-RAY DIFFRACTION' ? 
p_planar_d          ?     ? ? ? 'X-RAY DIFFRACTION' ? 
p_hb_or_metal_coord ?     ? ? ? 'X-RAY DIFFRACTION' ? 
p_mcbond_it         ?     ? ? ? 'X-RAY DIFFRACTION' ? 
p_mcangle_it        ?     ? ? ? 'X-RAY DIFFRACTION' ? 
p_scbond_it         ?     ? ? ? 'X-RAY DIFFRACTION' ? 
p_scangle_it        ?     ? ? ? 'X-RAY DIFFRACTION' ? 
p_plane_restr       ?     ? ? ? 'X-RAY DIFFRACTION' ? 
p_chiral_restr      ?     ? ? ? 'X-RAY DIFFRACTION' ? 
p_singtor_nbd       ?     ? ? ? 'X-RAY DIFFRACTION' ? 
p_multtor_nbd       ?     ? ? ? 'X-RAY DIFFRACTION' ? 
p_xhyhbond_nbd      ?     ? ? ? 'X-RAY DIFFRACTION' ? 
p_xyhbond_nbd       ?     ? ? ? 'X-RAY DIFFRACTION' ? 
p_planar_tor        ?     ? ? ? 'X-RAY DIFFRACTION' ? 
p_staggered_tor     ?     ? ? ? 'X-RAY DIFFRACTION' ? 
p_orthonormal_tor   ?     ? ? ? 'X-RAY DIFFRACTION' ? 
p_transverse_tor    ?     ? ? ? 'X-RAY DIFFRACTION' ? 
p_special_tor       ?     ? ? ? 'X-RAY DIFFRACTION' ? 
# 
_struct.entry_id                  2PK4 
_struct.title                     'THE REFINED STRUCTURE OF THE EPSILON-AMINOCAPROIC ACID COMPLEX OF HUMAN PLASMINOGEN KRINGLE' 
_struct.pdbx_model_details        ? 
_struct.pdbx_CASP_flag            ? 
_struct.pdbx_model_type_details   ? 
# 
_struct_keywords.entry_id        2PK4 
_struct_keywords.pdbx_keywords   'HYDROLASE(SERINE PROTEASE)' 
_struct_keywords.text            'HYDROLASE(SERINE PROTEASE)' 
# 
loop_
_struct_asym.id 
_struct_asym.pdbx_blank_PDB_chainid_flag 
_struct_asym.pdbx_modified 
_struct_asym.entity_id 
_struct_asym.details 
A N N 1 ? 
B N N 2 ? 
C N N 3 ? 
# 
_struct_ref.id                         1 
_struct_ref.db_name                    UNP 
_struct_ref.db_code                    PLMN_HUMAN 
_struct_ref.entity_id                  1 
_struct_ref.pdbx_db_accession          P00747 
_struct_ref.pdbx_align_begin           1 
_struct_ref.pdbx_seq_one_letter_code   
;MEHKEVVLLLLLFLKSGQGEPLDDYVNTQGASLFSVTKKQLGAGSIEECAAKCEEDEEFTCRAFQYHSKEQQCVIMAENR
KSSIIIRMRDVVLFEKKVYLSECKTGNGKNYRGTMSKTKNGITCQKWSSTSPHRPRFSPATHPSEGLEENYCRNPDNDPQ
GPWCYTTDPEKRYDYCDILECEEECMHCSGENYDGKISKTMSGLECQAWDSQSPHAHGYIPSKFPNKNLKKNYCRNPDRE
LRPWCFTTDPNKRWELCDIPRCTTPPPSSGPTYQCLKGTGENYRGNVAVTVSGHTCQHWSAQTPHTHNRTPENFPCKNLD
ENYCRNPDGKRAPWCHTTNSQVRWEYCKIPSCDSSPVSTEQLAPTAPPELTPVVQDCYHGDGQSYRGTSSTTTTGKKCQS
WSSMTPHRHQKTPENYPNAGLTMNYCRNPDADKGPWCFTTDPSVRWEYCNLKKCSGTEASVVAPPPVVLLPDVETPSEED
CMFGNGKGYRGKRATTVTGTPCQDWAAQEPHRHSIFTPETNPRAGLEKNYCRNPDGDVGGPWCYTTNPRKLYDYCDVPQC
AAPSFDCGKPQVEPKKCPGRVVGGCVAHPHSWPWQVSLRTRFGMHFCGGTLISPEWVLTAAHCLEKSPRPSSYKVILGAH
QEVNLEPHVQEIEVSRLFLEPTRKDIALLKLSSPAVITDKVIPACLPSPNYVVADRTECFITGWGETQGTFGAGLLKEAQ
LPVIENKVCNRYEFLNGRVQSTELCAGHLAGGTDSCQGDSGGPLVCFEKDKYILQGVTSWGLGCARPNKPGVYVRVSRFV
TWIEGVMRNN
;
_struct_ref.pdbx_db_isoform            ? 
# 
_struct_ref_seq.align_id                      1 
_struct_ref_seq.ref_id                        1 
_struct_ref_seq.pdbx_PDB_id_code              2PK4 
_struct_ref_seq.pdbx_strand_id                A 
_struct_ref_seq.seq_align_beg                 1 
_struct_ref_seq.pdbx_seq_align_beg_ins_code   ? 
_struct_ref_seq.seq_align_end                 80 
_struct_ref_seq.pdbx_seq_align_end_ins_code   ? 
_struct_ref_seq.pdbx_db_accession             P00747 
_struct_ref_seq.db_align_beg                  375 
_struct_ref_seq.pdbx_db_align_beg_ins_code    ? 
_struct_ref_seq.db_align_end                  454 
_struct_ref_seq.pdbx_db_align_end_ins_code    ? 
_struct_ref_seq.pdbx_auth_seq_align_beg       -1 
_struct_ref_seq.pdbx_auth_seq_align_end       80 
# 
_pdbx_struct_assembly.id                   1 
_pdbx_struct_assembly.details              author_defined_assembly 
_pdbx_struct_assembly.method_details       ? 
_pdbx_struct_assembly.oligomeric_details   monomeric 
_pdbx_struct_assembly.oligomeric_count     1 
# 
_pdbx_struct_assembly_gen.assembly_id       1 
_pdbx_struct_assembly_gen.oper_expression   1 
_pdbx_struct_assembly_gen.asym_id_list      A,B,C 
# 
_pdbx_struct_oper_list.id                   1 
_pdbx_struct_oper_list.type                 'identity operation' 
_pdbx_struct_oper_list.name                 1_555 
_pdbx_struct_oper_list.symmetry_operation   x,y,z 
_pdbx_struct_oper_list.matrix[1][1]         1.0000000000 
_pdbx_struct_oper_list.matrix[1][2]         0.0000000000 
_pdbx_struct_oper_list.matrix[1][3]         0.0000000000 
_pdbx_struct_oper_list.vector[1]            0.0000000000 
_pdbx_struct_oper_list.matrix[2][1]         0.0000000000 
_pdbx_struct_oper_list.matrix[2][2]         1.0000000000 
_pdbx_struct_oper_list.matrix[2][3]         0.0000000000 
_pdbx_struct_oper_list.vector[2]            0.0000000000 
_pdbx_struct_oper_list.matrix[3][1]         0.0000000000 
_pdbx_struct_oper_list.matrix[3][2]         0.0000000000 
_pdbx_struct_oper_list.matrix[3][3]         1.0000000000 
_pdbx_struct_oper_list.vector[3]            0.0000000000 
# 
_struct_biol.id   1 
# 
loop_
_struct_conn.id 
_struct_conn.conn_type_id 
_struct_conn.pdbx_leaving_atom_flag 
_struct_conn.pdbx_PDB_id 
_struct_conn.ptnr1_label_asym_id 
_struct_conn.ptnr1_label_comp_id 
_struct_conn.ptnr1_label_seq_id 
_struct_conn.ptnr1_label_atom_id 
_struct_conn.pdbx_ptnr1_label_alt_id 
_struct_conn.pdbx_ptnr1_PDB_ins_code 
_struct_conn.pdbx_ptnr1_standard_comp_id 
_struct_conn.ptnr1_symmetry 
_struct_conn.ptnr2_label_asym_id 
_struct_conn.ptnr2_label_comp_id 
_struct_conn.ptnr2_label_seq_id 
_struct_conn.ptnr2_label_atom_id 
_struct_conn.pdbx_ptnr2_label_alt_id 
_struct_conn.pdbx_ptnr2_PDB_ins_code 
_struct_conn.ptnr1_auth_asym_id 
_struct_conn.ptnr1_auth_comp_id 
_struct_conn.ptnr1_auth_seq_id 
_struct_conn.ptnr2_auth_asym_id 
_struct_conn.ptnr2_auth_comp_id 
_struct_conn.ptnr2_auth_seq_id 
_struct_conn.ptnr2_symmetry 
_struct_conn.pdbx_ptnr3_label_atom_id 
_struct_conn.pdbx_ptnr3_label_seq_id 
_struct_conn.pdbx_ptnr3_label_comp_id 
_struct_conn.pdbx_ptnr3_label_asym_id 
_struct_conn.pdbx_ptnr3_label_alt_id 
_struct_conn.pdbx_ptnr3_PDB_ins_code 
_struct_conn.details 
_struct_conn.pdbx_dist_value 
_struct_conn.pdbx_value_order 
_struct_conn.pdbx_role 
disulf1 disulf ? ? A CYS 3  SG ? ? ? 1_555 A CYS 80 SG ? ? A CYS 1  A CYS 80 1_555 ? ? ? ? ? ? ? 2.120 ? ? 
disulf2 disulf ? ? A CYS 24 SG ? ? ? 1_555 A CYS 63 SG ? ? A CYS 22 A CYS 63 1_555 ? ? ? ? ? ? ? 2.014 ? ? 
disulf3 disulf ? ? A CYS 52 SG ? ? ? 1_555 A CYS 75 SG ? ? A CYS 51 A CYS 75 1_555 ? ? ? ? ? ? ? 2.062 ? ? 
# 
_struct_conn_type.id          disulf 
_struct_conn_type.criteria    ? 
_struct_conn_type.reference   ? 
# 
loop_
_pdbx_modification_feature.ordinal 
_pdbx_modification_feature.label_comp_id 
_pdbx_modification_feature.label_asym_id 
_pdbx_modification_feature.label_seq_id 
_pdbx_modification_feature.label_alt_id 
_pdbx_modification_feature.modified_residue_label_comp_id 
_pdbx_modification_feature.modified_residue_label_asym_id 
_pdbx_modification_feature.modified_residue_label_seq_id 
_pdbx_modification_feature.modified_residue_label_alt_id 
_pdbx_modification_feature.auth_comp_id 
_pdbx_modification_feature.auth_asym_id 
_pdbx_modification_feature.auth_seq_id 
_pdbx_modification_feature.PDB_ins_code 
_pdbx_modification_feature.symmetry 
_pdbx_modification_feature.modified_residue_auth_comp_id 
_pdbx_modification_feature.modified_residue_auth_asym_id 
_pdbx_modification_feature.modified_residue_auth_seq_id 
_pdbx_modification_feature.modified_residue_PDB_ins_code 
_pdbx_modification_feature.modified_residue_symmetry 
_pdbx_modification_feature.comp_id_linking_atom 
_pdbx_modification_feature.modified_residue_id_linking_atom 
_pdbx_modification_feature.modified_residue_id 
_pdbx_modification_feature.ref_pcm_id 
_pdbx_modification_feature.ref_comp_id 
_pdbx_modification_feature.type 
_pdbx_modification_feature.category 
1 CYS A 3  ? CYS A 80 ? CYS A 1  ? 1_555 CYS A 80 ? 1_555 SG SG . . . None 'Disulfide bridge' 
2 CYS A 24 ? CYS A 63 ? CYS A 22 ? 1_555 CYS A 63 ? 1_555 SG SG . . . None 'Disulfide bridge' 
3 CYS A 52 ? CYS A 75 ? CYS A 51 ? 1_555 CYS A 75 ? 1_555 SG SG . . . None 'Disulfide bridge' 
# 
_struct_mon_prot_cis.pdbx_id                1 
_struct_mon_prot_cis.label_comp_id          THR 
_struct_mon_prot_cis.label_seq_id           31 
_struct_mon_prot_cis.label_asym_id          A 
_struct_mon_prot_cis.label_alt_id           . 
_struct_mon_prot_cis.pdbx_PDB_ins_code      ? 
_struct_mon_prot_cis.auth_comp_id           THR 
_struct_mon_prot_cis.auth_seq_id            29 
_struct_mon_prot_cis.auth_asym_id           A 
_struct_mon_prot_cis.pdbx_label_comp_id_2   PRO 
_struct_mon_prot_cis.pdbx_label_seq_id_2    32 
_struct_mon_prot_cis.pdbx_label_asym_id_2   A 
_struct_mon_prot_cis.pdbx_PDB_ins_code_2    ? 
_struct_mon_prot_cis.pdbx_auth_comp_id_2    PRO 
_struct_mon_prot_cis.pdbx_auth_seq_id_2     30 
_struct_mon_prot_cis.pdbx_auth_asym_id_2    A 
_struct_mon_prot_cis.pdbx_PDB_model_num     1 
_struct_mon_prot_cis.pdbx_omega_angle       1.23 
# 
loop_
_struct_sheet.id 
_struct_sheet.type 
_struct_sheet.number_strands 
_struct_sheet.details 
B1 ? 2 ? 
B2 ? 2 ? 
B3 ? 2 ? 
B4 ? 2 ? 
# 
loop_
_struct_sheet_order.sheet_id 
_struct_sheet_order.range_id_1 
_struct_sheet_order.range_id_2 
_struct_sheet_order.offset 
_struct_sheet_order.sense 
B1 1 2 ? anti-parallel 
B2 1 2 ? anti-parallel 
B3 1 2 ? anti-parallel 
B4 1 2 ? anti-parallel 
# 
loop_
_struct_sheet_range.sheet_id 
_struct_sheet_range.id 
_struct_sheet_range.beg_label_comp_id 
_struct_sheet_range.beg_label_asym_id 
_struct_sheet_range.beg_label_seq_id 
_struct_sheet_range.pdbx_beg_PDB_ins_code 
_struct_sheet_range.end_label_comp_id 
_struct_sheet_range.end_label_asym_id 
_struct_sheet_range.end_label_seq_id 
_struct_sheet_range.pdbx_end_PDB_ins_code 
_struct_sheet_range.beg_auth_comp_id 
_struct_sheet_range.beg_auth_asym_id 
_struct_sheet_range.beg_auth_seq_id 
_struct_sheet_range.end_auth_comp_id 
_struct_sheet_range.end_auth_asym_id 
_struct_sheet_range.end_auth_seq_id 
B1 1 SER A 16 ? THR A 18 ? SER A 14 THR A 16 
B1 2 LYS A 22 ? CYS A 24 ? LYS A 20 CYS A 22 
B2 1 GLN A 25 ? TRP A 27 ? GLN A 23 TRP A 25 
B2 2 THR A 48 ? ASN A 50 ? THR A 47 ASN A 49 
B3 1 ARG A 53 ? ASN A 54 ? ARG A 52 ASN A 53 
B3 2 PRO A 61 ? TRP A 62 ? PRO A 61 TRP A 62 
B4 1 TRP A 62 ? THR A 65 ? TRP A 62 THR A 65 
B4 2 ARG A 71 ? TYR A 74 ? ARG A 71 TYR A 74 
# 
loop_
_struct_site.id 
_struct_site.pdbx_evidence_code 
_struct_site.pdbx_auth_asym_id 
_struct_site.pdbx_auth_comp_id 
_struct_site.pdbx_auth_seq_id 
_struct_site.pdbx_auth_ins_code 
_struct_site.pdbx_num_residues 
_struct_site.details 
BIN Author   ? ?   ?   ? 17 'binding site'                       
AC1 Software A ACA 100 ? 7  'BINDING SITE FOR RESIDUE ACA A 100' 
# 
loop_
_struct_site_gen.id 
_struct_site_gen.site_id 
_struct_site_gen.pdbx_num_res 
_struct_site_gen.label_comp_id 
_struct_site_gen.label_asym_id 
_struct_site_gen.label_seq_id 
_struct_site_gen.pdbx_auth_ins_code 
_struct_site_gen.auth_comp_id 
_struct_site_gen.auth_asym_id 
_struct_site_gen.auth_seq_id 
_struct_site_gen.label_atom_id 
_struct_site_gen.label_alt_id 
_struct_site_gen.symmetry 
_struct_site_gen.details 
1  BIN 17 HIS A 33 ? HIS A 31 . ? 1_555 ? 
2  BIN 17 ARG A 34 ? ARG A 32 . ? 1_555 ? 
3  BIN 17 HIS A 35 ? HIS A 33 . ? 1_555 ? 
4  BIN 17 GLN A 36 ? GLN A 34 . ? 1_555 ? 
5  BIN 17 LYS A 37 ? LYS A 35 . ? 1_555 ? 
6  BIN 17 PRO A 55 ? PRO A 54 . ? 1_555 ? 
7  BIN 17 ASP A 56 ? ASP A 55 . ? 1_555 ? 
8  BIN 17 ALA A 57 ? ALA A 56 . ? 1_555 ? 
9  BIN 17 ASP A 58 ? ASP A 57 . ? 1_555 ? 
10 BIN 17 LYS A 59 ? LYS A 58 . ? 1_555 ? 
11 BIN 17 TRP A 62 ? TRP A 62 . ? 1_555 ? 
12 BIN 17 CYS A 63 ? CYS A 63 . ? 1_555 ? 
13 BIN 17 PHE A 64 ? PHE A 64 . ? 1_555 ? 
14 BIN 17 ARG A 71 ? ARG A 71 . ? 1_555 ? 
15 BIN 17 TRP A 72 ? TRP A 72 . ? 1_555 ? 
16 BIN 17 GLU A 73 ? GLU A 73 . ? 1_555 ? 
17 BIN 17 TYR A 74 ? TYR A 74 . ? 1_555 ? 
18 AC1 7  LYS A 37 ? LYS A 35 . ? 1_555 ? 
19 AC1 7  ASP A 56 ? ASP A 55 . ? 1_555 ? 
20 AC1 7  ASP A 58 ? ASP A 57 . ? 1_555 ? 
21 AC1 7  TRP A 62 ? TRP A 62 . ? 1_555 ? 
22 AC1 7  PHE A 64 ? PHE A 64 . ? 1_555 ? 
23 AC1 7  ARG A 71 ? ARG A 71 . ? 1_555 ? 
24 AC1 7  TRP A 72 ? TRP A 72 . ? 1_555 ? 
# 
_pdbx_entry_details.entry_id                   2PK4 
_pdbx_entry_details.compound_details           ? 
_pdbx_entry_details.source_details             ? 
_pdbx_entry_details.nonpolymer_details         ? 
_pdbx_entry_details.sequence_details           
;SEQUENCE NUMBERING OF KRINGLE 4 IS BASED ON PLASMINOGEN
KRINGLE 5.  THE FINAL STRUCTURE HAS RESIDUE GLN -1 TO CYS
80 ALONG WITH LIGAND, RESIDUE ACA 100. 106 WATER MOLECULES.
;
_pdbx_entry_details.has_ligand_of_interest     ? 
_pdbx_entry_details.has_protein_modification   Y 
# 
_pdbx_validate_close_contact.id               1 
_pdbx_validate_close_contact.PDB_model_num    1 
_pdbx_validate_close_contact.auth_atom_id_1   OD2 
_pdbx_validate_close_contact.auth_asym_id_1   A 
_pdbx_validate_close_contact.auth_comp_id_1   ASP 
_pdbx_validate_close_contact.auth_seq_id_1    55 
_pdbx_validate_close_contact.PDB_ins_code_1   ? 
_pdbx_validate_close_contact.label_alt_id_1   ? 
_pdbx_validate_close_contact.auth_atom_id_2   N 
_pdbx_validate_close_contact.auth_asym_id_2   A 
_pdbx_validate_close_contact.auth_comp_id_2   ACA 
_pdbx_validate_close_contact.auth_seq_id_2    100 
_pdbx_validate_close_contact.PDB_ins_code_2   ? 
_pdbx_validate_close_contact.label_alt_id_2   ? 
_pdbx_validate_close_contact.dist             2.12 
# 
_pdbx_validate_rmsd_bond.id                        1 
_pdbx_validate_rmsd_bond.PDB_model_num             1 
_pdbx_validate_rmsd_bond.auth_atom_id_1            CB 
_pdbx_validate_rmsd_bond.auth_asym_id_1            A 
_pdbx_validate_rmsd_bond.auth_comp_id_1            SER 
_pdbx_validate_rmsd_bond.auth_seq_id_1             69 
_pdbx_validate_rmsd_bond.PDB_ins_code_1            ? 
_pdbx_validate_rmsd_bond.label_alt_id_1            ? 
_pdbx_validate_rmsd_bond.auth_atom_id_2            OG 
_pdbx_validate_rmsd_bond.auth_asym_id_2            A 
_pdbx_validate_rmsd_bond.auth_comp_id_2            SER 
_pdbx_validate_rmsd_bond.auth_seq_id_2             69 
_pdbx_validate_rmsd_bond.PDB_ins_code_2            ? 
_pdbx_validate_rmsd_bond.label_alt_id_2            ? 
_pdbx_validate_rmsd_bond.bond_value                1.508 
_pdbx_validate_rmsd_bond.bond_target_value         1.418 
_pdbx_validate_rmsd_bond.bond_deviation            0.090 
_pdbx_validate_rmsd_bond.bond_standard_deviation   0.013 
_pdbx_validate_rmsd_bond.linker_flag               N 
# 
loop_
_pdbx_validate_rmsd_angle.id 
_pdbx_validate_rmsd_angle.PDB_model_num 
_pdbx_validate_rmsd_angle.auth_atom_id_1 
_pdbx_validate_rmsd_angle.auth_asym_id_1 
_pdbx_validate_rmsd_angle.auth_comp_id_1 
_pdbx_validate_rmsd_angle.auth_seq_id_1 
_pdbx_validate_rmsd_angle.PDB_ins_code_1 
_pdbx_validate_rmsd_angle.label_alt_id_1 
_pdbx_validate_rmsd_angle.auth_atom_id_2 
_pdbx_validate_rmsd_angle.auth_asym_id_2 
_pdbx_validate_rmsd_angle.auth_comp_id_2 
_pdbx_validate_rmsd_angle.auth_seq_id_2 
_pdbx_validate_rmsd_angle.PDB_ins_code_2 
_pdbx_validate_rmsd_angle.label_alt_id_2 
_pdbx_validate_rmsd_angle.auth_atom_id_3 
_pdbx_validate_rmsd_angle.auth_asym_id_3 
_pdbx_validate_rmsd_angle.auth_comp_id_3 
_pdbx_validate_rmsd_angle.auth_seq_id_3 
_pdbx_validate_rmsd_angle.PDB_ins_code_3 
_pdbx_validate_rmsd_angle.label_alt_id_3 
_pdbx_validate_rmsd_angle.angle_value 
_pdbx_validate_rmsd_angle.angle_target_value 
_pdbx_validate_rmsd_angle.angle_deviation 
_pdbx_validate_rmsd_angle.angle_standard_deviation 
_pdbx_validate_rmsd_angle.linker_flag 
1  1 CD A ARG 10 ? ? NE A ARG 10 ? ? CZ  A ARG 10 ? ? 135.73 123.60 12.13 1.40 N 
2  1 NE A ARG 10 ? ? CZ A ARG 10 ? ? NH1 A ARG 10 ? ? 125.18 120.30 4.88  0.50 N 
3  1 NE A ARG 10 ? ? CZ A ARG 10 ? ? NH2 A ARG 10 ? ? 113.75 120.30 -6.55 0.50 N 
4  1 CB A TYR 41 ? ? CG A TYR 41 ? ? CD1 A TYR 41 ? ? 116.63 121.00 -4.37 0.60 N 
5  1 CD A ARG 52 ? ? NE A ARG 52 ? ? CZ  A ARG 52 ? ? 143.66 123.60 20.06 1.40 N 
6  1 NE A ARG 52 ? ? CZ A ARG 52 ? ? NH1 A ARG 52 ? ? 127.05 120.30 6.75  0.50 N 
7  1 NE A ARG 52 ? ? CZ A ARG 52 ? ? NH2 A ARG 52 ? ? 117.19 120.30 -3.11 0.50 N 
8  1 CB A ASP 57 ? ? CG A ASP 57 ? ? OD2 A ASP 57 ? ? 123.85 118.30 5.55  0.90 N 
9  1 NE A ARG 71 ? ? CZ A ARG 71 ? ? NH1 A ARG 71 ? ? 123.51 120.30 3.21  0.50 N 
10 1 CB A CYS 75 ? ? CA A CYS 75 ? ? C   A CYS 75 ? ? 122.81 111.50 11.31 1.20 N 
# 
loop_
_pdbx_validate_torsion.id 
_pdbx_validate_torsion.PDB_model_num 
_pdbx_validate_torsion.auth_comp_id 
_pdbx_validate_torsion.auth_asym_id 
_pdbx_validate_torsion.auth_seq_id 
_pdbx_validate_torsion.PDB_ins_code 
_pdbx_validate_torsion.label_alt_id 
_pdbx_validate_torsion.phi 
_pdbx_validate_torsion.psi 
1 1 ARG A 10 ? ? -150.45 10.60   
2 1 MET A 48 ? ? 31.33   -135.01 
3 1 ASN A 76 ? ? -85.35  30.35   
4 1 LYS A 79 ? ? -57.61  0.58    
# 
loop_
_chem_comp_atom.comp_id 
_chem_comp_atom.atom_id 
_chem_comp_atom.type_symbol 
_chem_comp_atom.pdbx_aromatic_flag 
_chem_comp_atom.pdbx_stereo_config 
_chem_comp_atom.pdbx_ordinal 
ACA C    C N N 1   
ACA O    O N N 2   
ACA OXT  O N N 3   
ACA C2   C N N 4   
ACA C3   C N N 5   
ACA C4   C N N 6   
ACA C5   C N N 7   
ACA C6   C N N 8   
ACA N    N N N 9   
ACA HXT  H N N 10  
ACA H21  H N N 11  
ACA H22  H N N 12  
ACA H31  H N N 13  
ACA H32  H N N 14  
ACA H41  H N N 15  
ACA H42  H N N 16  
ACA H51  H N N 17  
ACA H52  H N N 18  
ACA H61  H N N 19  
ACA H62  H N N 20  
ACA H    H N N 21  
ACA H2   H N N 22  
ALA N    N N N 23  
ALA CA   C N S 24  
ALA C    C N N 25  
ALA O    O N N 26  
ALA CB   C N N 27  
ALA OXT  O N N 28  
ALA H    H N N 29  
ALA H2   H N N 30  
ALA HA   H N N 31  
ALA HB1  H N N 32  
ALA HB2  H N N 33  
ALA HB3  H N N 34  
ALA HXT  H N N 35  
ARG N    N N N 36  
ARG CA   C N S 37  
ARG C    C N N 38  
ARG O    O N N 39  
ARG CB   C N N 40  
ARG CG   C N N 41  
ARG CD   C N N 42  
ARG NE   N N N 43  
ARG CZ   C N N 44  
ARG NH1  N N N 45  
ARG NH2  N N N 46  
ARG OXT  O N N 47  
ARG H    H N N 48  
ARG H2   H N N 49  
ARG HA   H N N 50  
ARG HB2  H N N 51  
ARG HB3  H N N 52  
ARG HG2  H N N 53  
ARG HG3  H N N 54  
ARG HD2  H N N 55  
ARG HD3  H N N 56  
ARG HE   H N N 57  
ARG HH11 H N N 58  
ARG HH12 H N N 59  
ARG HH21 H N N 60  
ARG HH22 H N N 61  
ARG HXT  H N N 62  
ASN N    N N N 63  
ASN CA   C N S 64  
ASN C    C N N 65  
ASN O    O N N 66  
ASN CB   C N N 67  
ASN CG   C N N 68  
ASN OD1  O N N 69  
ASN ND2  N N N 70  
ASN OXT  O N N 71  
ASN H    H N N 72  
ASN H2   H N N 73  
ASN HA   H N N 74  
ASN HB2  H N N 75  
ASN HB3  H N N 76  
ASN HD21 H N N 77  
ASN HD22 H N N 78  
ASN HXT  H N N 79  
ASP N    N N N 80  
ASP CA   C N S 81  
ASP C    C N N 82  
ASP O    O N N 83  
ASP CB   C N N 84  
ASP CG   C N N 85  
ASP OD1  O N N 86  
ASP OD2  O N N 87  
ASP OXT  O N N 88  
ASP H    H N N 89  
ASP H2   H N N 90  
ASP HA   H N N 91  
ASP HB2  H N N 92  
ASP HB3  H N N 93  
ASP HD2  H N N 94  
ASP HXT  H N N 95  
CYS N    N N N 96  
CYS CA   C N R 97  
CYS C    C N N 98  
CYS O    O N N 99  
CYS CB   C N N 100 
CYS SG   S N N 101 
CYS OXT  O N N 102 
CYS H    H N N 103 
CYS H2   H N N 104 
CYS HA   H N N 105 
CYS HB2  H N N 106 
CYS HB3  H N N 107 
CYS HG   H N N 108 
CYS HXT  H N N 109 
GLN N    N N N 110 
GLN CA   C N S 111 
GLN C    C N N 112 
GLN O    O N N 113 
GLN CB   C N N 114 
GLN CG   C N N 115 
GLN CD   C N N 116 
GLN OE1  O N N 117 
GLN NE2  N N N 118 
GLN OXT  O N N 119 
GLN H    H N N 120 
GLN H2   H N N 121 
GLN HA   H N N 122 
GLN HB2  H N N 123 
GLN HB3  H N N 124 
GLN HG2  H N N 125 
GLN HG3  H N N 126 
GLN HE21 H N N 127 
GLN HE22 H N N 128 
GLN HXT  H N N 129 
GLU N    N N N 130 
GLU CA   C N S 131 
GLU C    C N N 132 
GLU O    O N N 133 
GLU CB   C N N 134 
GLU CG   C N N 135 
GLU CD   C N N 136 
GLU OE1  O N N 137 
GLU OE2  O N N 138 
GLU OXT  O N N 139 
GLU H    H N N 140 
GLU H2   H N N 141 
GLU HA   H N N 142 
GLU HB2  H N N 143 
GLU HB3  H N N 144 
GLU HG2  H N N 145 
GLU HG3  H N N 146 
GLU HE2  H N N 147 
GLU HXT  H N N 148 
GLY N    N N N 149 
GLY CA   C N N 150 
GLY C    C N N 151 
GLY O    O N N 152 
GLY OXT  O N N 153 
GLY H    H N N 154 
GLY H2   H N N 155 
GLY HA2  H N N 156 
GLY HA3  H N N 157 
GLY HXT  H N N 158 
HIS N    N N N 159 
HIS CA   C N S 160 
HIS C    C N N 161 
HIS O    O N N 162 
HIS CB   C N N 163 
HIS CG   C Y N 164 
HIS ND1  N Y N 165 
HIS CD2  C Y N 166 
HIS CE1  C Y N 167 
HIS NE2  N Y N 168 
HIS OXT  O N N 169 
HIS H    H N N 170 
HIS H2   H N N 171 
HIS HA   H N N 172 
HIS HB2  H N N 173 
HIS HB3  H N N 174 
HIS HD1  H N N 175 
HIS HD2  H N N 176 
HIS HE1  H N N 177 
HIS HE2  H N N 178 
HIS HXT  H N N 179 
HOH O    O N N 180 
HOH H1   H N N 181 
HOH H2   H N N 182 
LEU N    N N N 183 
LEU CA   C N S 184 
LEU C    C N N 185 
LEU O    O N N 186 
LEU CB   C N N 187 
LEU CG   C N N 188 
LEU CD1  C N N 189 
LEU CD2  C N N 190 
LEU OXT  O N N 191 
LEU H    H N N 192 
LEU H2   H N N 193 
LEU HA   H N N 194 
LEU HB2  H N N 195 
LEU HB3  H N N 196 
LEU HG   H N N 197 
LEU HD11 H N N 198 
LEU HD12 H N N 199 
LEU HD13 H N N 200 
LEU HD21 H N N 201 
LEU HD22 H N N 202 
LEU HD23 H N N 203 
LEU HXT  H N N 204 
LYS N    N N N 205 
LYS CA   C N S 206 
LYS C    C N N 207 
LYS O    O N N 208 
LYS CB   C N N 209 
LYS CG   C N N 210 
LYS CD   C N N 211 
LYS CE   C N N 212 
LYS NZ   N N N 213 
LYS OXT  O N N 214 
LYS H    H N N 215 
LYS H2   H N N 216 
LYS HA   H N N 217 
LYS HB2  H N N 218 
LYS HB3  H N N 219 
LYS HG2  H N N 220 
LYS HG3  H N N 221 
LYS HD2  H N N 222 
LYS HD3  H N N 223 
LYS HE2  H N N 224 
LYS HE3  H N N 225 
LYS HZ1  H N N 226 
LYS HZ2  H N N 227 
LYS HZ3  H N N 228 
LYS HXT  H N N 229 
MET N    N N N 230 
MET CA   C N S 231 
MET C    C N N 232 
MET O    O N N 233 
MET CB   C N N 234 
MET CG   C N N 235 
MET SD   S N N 236 
MET CE   C N N 237 
MET OXT  O N N 238 
MET H    H N N 239 
MET H2   H N N 240 
MET HA   H N N 241 
MET HB2  H N N 242 
MET HB3  H N N 243 
MET HG2  H N N 244 
MET HG3  H N N 245 
MET HE1  H N N 246 
MET HE2  H N N 247 
MET HE3  H N N 248 
MET HXT  H N N 249 
PHE N    N N N 250 
PHE CA   C N S 251 
PHE C    C N N 252 
PHE O    O N N 253 
PHE CB   C N N 254 
PHE CG   C Y N 255 
PHE CD1  C Y N 256 
PHE CD2  C Y N 257 
PHE CE1  C Y N 258 
PHE CE2  C Y N 259 
PHE CZ   C Y N 260 
PHE OXT  O N N 261 
PHE H    H N N 262 
PHE H2   H N N 263 
PHE HA   H N N 264 
PHE HB2  H N N 265 
PHE HB3  H N N 266 
PHE HD1  H N N 267 
PHE HD2  H N N 268 
PHE HE1  H N N 269 
PHE HE2  H N N 270 
PHE HZ   H N N 271 
PHE HXT  H N N 272 
PRO N    N N N 273 
PRO CA   C N S 274 
PRO C    C N N 275 
PRO O    O N N 276 
PRO CB   C N N 277 
PRO CG   C N N 278 
PRO CD   C N N 279 
PRO OXT  O N N 280 
PRO H    H N N 281 
PRO HA   H N N 282 
PRO HB2  H N N 283 
PRO HB3  H N N 284 
PRO HG2  H N N 285 
PRO HG3  H N N 286 
PRO HD2  H N N 287 
PRO HD3  H N N 288 
PRO HXT  H N N 289 
SER N    N N N 290 
SER CA   C N S 291 
SER C    C N N 292 
SER O    O N N 293 
SER CB   C N N 294 
SER OG   O N N 295 
SER OXT  O N N 296 
SER H    H N N 297 
SER H2   H N N 298 
SER HA   H N N 299 
SER HB2  H N N 300 
SER HB3  H N N 301 
SER HG   H N N 302 
SER HXT  H N N 303 
THR N    N N N 304 
THR CA   C N S 305 
THR C    C N N 306 
THR O    O N N 307 
THR CB   C N R 308 
THR OG1  O N N 309 
THR CG2  C N N 310 
THR OXT  O N N 311 
THR H    H N N 312 
THR H2   H N N 313 
THR HA   H N N 314 
THR HB   H N N 315 
THR HG1  H N N 316 
THR HG21 H N N 317 
THR HG22 H N N 318 
THR HG23 H N N 319 
THR HXT  H N N 320 
TRP N    N N N 321 
TRP CA   C N S 322 
TRP C    C N N 323 
TRP O    O N N 324 
TRP CB   C N N 325 
TRP CG   C Y N 326 
TRP CD1  C Y N 327 
TRP CD2  C Y N 328 
TRP NE1  N Y N 329 
TRP CE2  C Y N 330 
TRP CE3  C Y N 331 
TRP CZ2  C Y N 332 
TRP CZ3  C Y N 333 
TRP CH2  C Y N 334 
TRP OXT  O N N 335 
TRP H    H N N 336 
TRP H2   H N N 337 
TRP HA   H N N 338 
TRP HB2  H N N 339 
TRP HB3  H N N 340 
TRP HD1  H N N 341 
TRP HE1  H N N 342 
TRP HE3  H N N 343 
TRP HZ2  H N N 344 
TRP HZ3  H N N 345 
TRP HH2  H N N 346 
TRP HXT  H N N 347 
TYR N    N N N 348 
TYR CA   C N S 349 
TYR C    C N N 350 
TYR O    O N N 351 
TYR CB   C N N 352 
TYR CG   C Y N 353 
TYR CD1  C Y N 354 
TYR CD2  C Y N 355 
TYR CE1  C Y N 356 
TYR CE2  C Y N 357 
TYR CZ   C Y N 358 
TYR OH   O N N 359 
TYR OXT  O N N 360 
TYR H    H N N 361 
TYR H2   H N N 362 
TYR HA   H N N 363 
TYR HB2  H N N 364 
TYR HB3  H N N 365 
TYR HD1  H N N 366 
TYR HD2  H N N 367 
TYR HE1  H N N 368 
TYR HE2  H N N 369 
TYR HH   H N N 370 
TYR HXT  H N N 371 
VAL N    N N N 372 
VAL CA   C N S 373 
VAL C    C N N 374 
VAL O    O N N 375 
VAL CB   C N N 376 
VAL CG1  C N N 377 
VAL CG2  C N N 378 
VAL OXT  O N N 379 
VAL H    H N N 380 
VAL H2   H N N 381 
VAL HA   H N N 382 
VAL HB   H N N 383 
VAL HG11 H N N 384 
VAL HG12 H N N 385 
VAL HG13 H N N 386 
VAL HG21 H N N 387 
VAL HG22 H N N 388 
VAL HG23 H N N 389 
VAL HXT  H N N 390 
# 
loop_
_chem_comp_bond.comp_id 
_chem_comp_bond.atom_id_1 
_chem_comp_bond.atom_id_2 
_chem_comp_bond.value_order 
_chem_comp_bond.pdbx_aromatic_flag 
_chem_comp_bond.pdbx_stereo_config 
_chem_comp_bond.pdbx_ordinal 
ACA C   O    doub N N 1   
ACA C   OXT  sing N N 2   
ACA C   C2   sing N N 3   
ACA OXT HXT  sing N N 4   
ACA C2  C3   sing N N 5   
ACA C2  H21  sing N N 6   
ACA C2  H22  sing N N 7   
ACA C3  C4   sing N N 8   
ACA C3  H31  sing N N 9   
ACA C3  H32  sing N N 10  
ACA C4  C5   sing N N 11  
ACA C4  H41  sing N N 12  
ACA C4  H42  sing N N 13  
ACA C5  C6   sing N N 14  
ACA C5  H51  sing N N 15  
ACA C5  H52  sing N N 16  
ACA C6  N    sing N N 17  
ACA C6  H61  sing N N 18  
ACA C6  H62  sing N N 19  
ACA N   H    sing N N 20  
ACA N   H2   sing N N 21  
ALA N   CA   sing N N 22  
ALA N   H    sing N N 23  
ALA N   H2   sing N N 24  
ALA CA  C    sing N N 25  
ALA CA  CB   sing N N 26  
ALA CA  HA   sing N N 27  
ALA C   O    doub N N 28  
ALA C   OXT  sing N N 29  
ALA CB  HB1  sing N N 30  
ALA CB  HB2  sing N N 31  
ALA CB  HB3  sing N N 32  
ALA OXT HXT  sing N N 33  
ARG N   CA   sing N N 34  
ARG N   H    sing N N 35  
ARG N   H2   sing N N 36  
ARG CA  C    sing N N 37  
ARG CA  CB   sing N N 38  
ARG CA  HA   sing N N 39  
ARG C   O    doub N N 40  
ARG C   OXT  sing N N 41  
ARG CB  CG   sing N N 42  
ARG CB  HB2  sing N N 43  
ARG CB  HB3  sing N N 44  
ARG CG  CD   sing N N 45  
ARG CG  HG2  sing N N 46  
ARG CG  HG3  sing N N 47  
ARG CD  NE   sing N N 48  
ARG CD  HD2  sing N N 49  
ARG CD  HD3  sing N N 50  
ARG NE  CZ   sing N N 51  
ARG NE  HE   sing N N 52  
ARG CZ  NH1  sing N N 53  
ARG CZ  NH2  doub N N 54  
ARG NH1 HH11 sing N N 55  
ARG NH1 HH12 sing N N 56  
ARG NH2 HH21 sing N N 57  
ARG NH2 HH22 sing N N 58  
ARG OXT HXT  sing N N 59  
ASN N   CA   sing N N 60  
ASN N   H    sing N N 61  
ASN N   H2   sing N N 62  
ASN CA  C    sing N N 63  
ASN CA  CB   sing N N 64  
ASN CA  HA   sing N N 65  
ASN C   O    doub N N 66  
ASN C   OXT  sing N N 67  
ASN CB  CG   sing N N 68  
ASN CB  HB2  sing N N 69  
ASN CB  HB3  sing N N 70  
ASN CG  OD1  doub N N 71  
ASN CG  ND2  sing N N 72  
ASN ND2 HD21 sing N N 73  
ASN ND2 HD22 sing N N 74  
ASN OXT HXT  sing N N 75  
ASP N   CA   sing N N 76  
ASP N   H    sing N N 77  
ASP N   H2   sing N N 78  
ASP CA  C    sing N N 79  
ASP CA  CB   sing N N 80  
ASP CA  HA   sing N N 81  
ASP C   O    doub N N 82  
ASP C   OXT  sing N N 83  
ASP CB  CG   sing N N 84  
ASP CB  HB2  sing N N 85  
ASP CB  HB3  sing N N 86  
ASP CG  OD1  doub N N 87  
ASP CG  OD2  sing N N 88  
ASP OD2 HD2  sing N N 89  
ASP OXT HXT  sing N N 90  
CYS N   CA   sing N N 91  
CYS N   H    sing N N 92  
CYS N   H2   sing N N 93  
CYS CA  C    sing N N 94  
CYS CA  CB   sing N N 95  
CYS CA  HA   sing N N 96  
CYS C   O    doub N N 97  
CYS C   OXT  sing N N 98  
CYS CB  SG   sing N N 99  
CYS CB  HB2  sing N N 100 
CYS CB  HB3  sing N N 101 
CYS SG  HG   sing N N 102 
CYS OXT HXT  sing N N 103 
GLN N   CA   sing N N 104 
GLN N   H    sing N N 105 
GLN N   H2   sing N N 106 
GLN CA  C    sing N N 107 
GLN CA  CB   sing N N 108 
GLN CA  HA   sing N N 109 
GLN C   O    doub N N 110 
GLN C   OXT  sing N N 111 
GLN CB  CG   sing N N 112 
GLN CB  HB2  sing N N 113 
GLN CB  HB3  sing N N 114 
GLN CG  CD   sing N N 115 
GLN CG  HG2  sing N N 116 
GLN CG  HG3  sing N N 117 
GLN CD  OE1  doub N N 118 
GLN CD  NE2  sing N N 119 
GLN NE2 HE21 sing N N 120 
GLN NE2 HE22 sing N N 121 
GLN OXT HXT  sing N N 122 
GLU N   CA   sing N N 123 
GLU N   H    sing N N 124 
GLU N   H2   sing N N 125 
GLU CA  C    sing N N 126 
GLU CA  CB   sing N N 127 
GLU CA  HA   sing N N 128 
GLU C   O    doub N N 129 
GLU C   OXT  sing N N 130 
GLU CB  CG   sing N N 131 
GLU CB  HB2  sing N N 132 
GLU CB  HB3  sing N N 133 
GLU CG  CD   sing N N 134 
GLU CG  HG2  sing N N 135 
GLU CG  HG3  sing N N 136 
GLU CD  OE1  doub N N 137 
GLU CD  OE2  sing N N 138 
GLU OE2 HE2  sing N N 139 
GLU OXT HXT  sing N N 140 
GLY N   CA   sing N N 141 
GLY N   H    sing N N 142 
GLY N   H2   sing N N 143 
GLY CA  C    sing N N 144 
GLY CA  HA2  sing N N 145 
GLY CA  HA3  sing N N 146 
GLY C   O    doub N N 147 
GLY C   OXT  sing N N 148 
GLY OXT HXT  sing N N 149 
HIS N   CA   sing N N 150 
HIS N   H    sing N N 151 
HIS N   H2   sing N N 152 
HIS CA  C    sing N N 153 
HIS CA  CB   sing N N 154 
HIS CA  HA   sing N N 155 
HIS C   O    doub N N 156 
HIS C   OXT  sing N N 157 
HIS CB  CG   sing N N 158 
HIS CB  HB2  sing N N 159 
HIS CB  HB3  sing N N 160 
HIS CG  ND1  sing Y N 161 
HIS CG  CD2  doub Y N 162 
HIS ND1 CE1  doub Y N 163 
HIS ND1 HD1  sing N N 164 
HIS CD2 NE2  sing Y N 165 
HIS CD2 HD2  sing N N 166 
HIS CE1 NE2  sing Y N 167 
HIS CE1 HE1  sing N N 168 
HIS NE2 HE2  sing N N 169 
HIS OXT HXT  sing N N 170 
HOH O   H1   sing N N 171 
HOH O   H2   sing N N 172 
LEU N   CA   sing N N 173 
LEU N   H    sing N N 174 
LEU N   H2   sing N N 175 
LEU CA  C    sing N N 176 
LEU CA  CB   sing N N 177 
LEU CA  HA   sing N N 178 
LEU C   O    doub N N 179 
LEU C   OXT  sing N N 180 
LEU CB  CG   sing N N 181 
LEU CB  HB2  sing N N 182 
LEU CB  HB3  sing N N 183 
LEU CG  CD1  sing N N 184 
LEU CG  CD2  sing N N 185 
LEU CG  HG   sing N N 186 
LEU CD1 HD11 sing N N 187 
LEU CD1 HD12 sing N N 188 
LEU CD1 HD13 sing N N 189 
LEU CD2 HD21 sing N N 190 
LEU CD2 HD22 sing N N 191 
LEU CD2 HD23 sing N N 192 
LEU OXT HXT  sing N N 193 
LYS N   CA   sing N N 194 
LYS N   H    sing N N 195 
LYS N   H2   sing N N 196 
LYS CA  C    sing N N 197 
LYS CA  CB   sing N N 198 
LYS CA  HA   sing N N 199 
LYS C   O    doub N N 200 
LYS C   OXT  sing N N 201 
LYS CB  CG   sing N N 202 
LYS CB  HB2  sing N N 203 
LYS CB  HB3  sing N N 204 
LYS CG  CD   sing N N 205 
LYS CG  HG2  sing N N 206 
LYS CG  HG3  sing N N 207 
LYS CD  CE   sing N N 208 
LYS CD  HD2  sing N N 209 
LYS CD  HD3  sing N N 210 
LYS CE  NZ   sing N N 211 
LYS CE  HE2  sing N N 212 
LYS CE  HE3  sing N N 213 
LYS NZ  HZ1  sing N N 214 
LYS NZ  HZ2  sing N N 215 
LYS NZ  HZ3  sing N N 216 
LYS OXT HXT  sing N N 217 
MET N   CA   sing N N 218 
MET N   H    sing N N 219 
MET N   H2   sing N N 220 
MET CA  C    sing N N 221 
MET CA  CB   sing N N 222 
MET CA  HA   sing N N 223 
MET C   O    doub N N 224 
MET C   OXT  sing N N 225 
MET CB  CG   sing N N 226 
MET CB  HB2  sing N N 227 
MET CB  HB3  sing N N 228 
MET CG  SD   sing N N 229 
MET CG  HG2  sing N N 230 
MET CG  HG3  sing N N 231 
MET SD  CE   sing N N 232 
MET CE  HE1  sing N N 233 
MET CE  HE2  sing N N 234 
MET CE  HE3  sing N N 235 
MET OXT HXT  sing N N 236 
PHE N   CA   sing N N 237 
PHE N   H    sing N N 238 
PHE N   H2   sing N N 239 
PHE CA  C    sing N N 240 
PHE CA  CB   sing N N 241 
PHE CA  HA   sing N N 242 
PHE C   O    doub N N 243 
PHE C   OXT  sing N N 244 
PHE CB  CG   sing N N 245 
PHE CB  HB2  sing N N 246 
PHE CB  HB3  sing N N 247 
PHE CG  CD1  doub Y N 248 
PHE CG  CD2  sing Y N 249 
PHE CD1 CE1  sing Y N 250 
PHE CD1 HD1  sing N N 251 
PHE CD2 CE2  doub Y N 252 
PHE CD2 HD2  sing N N 253 
PHE CE1 CZ   doub Y N 254 
PHE CE1 HE1  sing N N 255 
PHE CE2 CZ   sing Y N 256 
PHE CE2 HE2  sing N N 257 
PHE CZ  HZ   sing N N 258 
PHE OXT HXT  sing N N 259 
PRO N   CA   sing N N 260 
PRO N   CD   sing N N 261 
PRO N   H    sing N N 262 
PRO CA  C    sing N N 263 
PRO CA  CB   sing N N 264 
PRO CA  HA   sing N N 265 
PRO C   O    doub N N 266 
PRO C   OXT  sing N N 267 
PRO CB  CG   sing N N 268 
PRO CB  HB2  sing N N 269 
PRO CB  HB3  sing N N 270 
PRO CG  CD   sing N N 271 
PRO CG  HG2  sing N N 272 
PRO CG  HG3  sing N N 273 
PRO CD  HD2  sing N N 274 
PRO CD  HD3  sing N N 275 
PRO OXT HXT  sing N N 276 
SER N   CA   sing N N 277 
SER N   H    sing N N 278 
SER N   H2   sing N N 279 
SER CA  C    sing N N 280 
SER CA  CB   sing N N 281 
SER CA  HA   sing N N 282 
SER C   O    doub N N 283 
SER C   OXT  sing N N 284 
SER CB  OG   sing N N 285 
SER CB  HB2  sing N N 286 
SER CB  HB3  sing N N 287 
SER OG  HG   sing N N 288 
SER OXT HXT  sing N N 289 
THR N   CA   sing N N 290 
THR N   H    sing N N 291 
THR N   H2   sing N N 292 
THR CA  C    sing N N 293 
THR CA  CB   sing N N 294 
THR CA  HA   sing N N 295 
THR C   O    doub N N 296 
THR C   OXT  sing N N 297 
THR CB  OG1  sing N N 298 
THR CB  CG2  sing N N 299 
THR CB  HB   sing N N 300 
THR OG1 HG1  sing N N 301 
THR CG2 HG21 sing N N 302 
THR CG2 HG22 sing N N 303 
THR CG2 HG23 sing N N 304 
THR OXT HXT  sing N N 305 
TRP N   CA   sing N N 306 
TRP N   H    sing N N 307 
TRP N   H2   sing N N 308 
TRP CA  C    sing N N 309 
TRP CA  CB   sing N N 310 
TRP CA  HA   sing N N 311 
TRP C   O    doub N N 312 
TRP C   OXT  sing N N 313 
TRP CB  CG   sing N N 314 
TRP CB  HB2  sing N N 315 
TRP CB  HB3  sing N N 316 
TRP CG  CD1  doub Y N 317 
TRP CG  CD2  sing Y N 318 
TRP CD1 NE1  sing Y N 319 
TRP CD1 HD1  sing N N 320 
TRP CD2 CE2  doub Y N 321 
TRP CD2 CE3  sing Y N 322 
TRP NE1 CE2  sing Y N 323 
TRP NE1 HE1  sing N N 324 
TRP CE2 CZ2  sing Y N 325 
TRP CE3 CZ3  doub Y N 326 
TRP CE3 HE3  sing N N 327 
TRP CZ2 CH2  doub Y N 328 
TRP CZ2 HZ2  sing N N 329 
TRP CZ3 CH2  sing Y N 330 
TRP CZ3 HZ3  sing N N 331 
TRP CH2 HH2  sing N N 332 
TRP OXT HXT  sing N N 333 
TYR N   CA   sing N N 334 
TYR N   H    sing N N 335 
TYR N   H2   sing N N 336 
TYR CA  C    sing N N 337 
TYR CA  CB   sing N N 338 
TYR CA  HA   sing N N 339 
TYR C   O    doub N N 340 
TYR C   OXT  sing N N 341 
TYR CB  CG   sing N N 342 
TYR CB  HB2  sing N N 343 
TYR CB  HB3  sing N N 344 
TYR CG  CD1  doub Y N 345 
TYR CG  CD2  sing Y N 346 
TYR CD1 CE1  sing Y N 347 
TYR CD1 HD1  sing N N 348 
TYR CD2 CE2  doub Y N 349 
TYR CD2 HD2  sing N N 350 
TYR CE1 CZ   doub Y N 351 
TYR CE1 HE1  sing N N 352 
TYR CE2 CZ   sing Y N 353 
TYR CE2 HE2  sing N N 354 
TYR CZ  OH   sing N N 355 
TYR OH  HH   sing N N 356 
TYR OXT HXT  sing N N 357 
VAL N   CA   sing N N 358 
VAL N   H    sing N N 359 
VAL N   H2   sing N N 360 
VAL CA  C    sing N N 361 
VAL CA  CB   sing N N 362 
VAL CA  HA   sing N N 363 
VAL C   O    doub N N 364 
VAL C   OXT  sing N N 365 
VAL CB  CG1  sing N N 366 
VAL CB  CG2  sing N N 367 
VAL CB  HB   sing N N 368 
VAL CG1 HG11 sing N N 369 
VAL CG1 HG12 sing N N 370 
VAL CG1 HG13 sing N N 371 
VAL CG2 HG21 sing N N 372 
VAL CG2 HG22 sing N N 373 
VAL CG2 HG23 sing N N 374 
VAL OXT HXT  sing N N 375 
# 
_atom_sites.entry_id                    2PK4 
_atom_sites.fract_transf_matrix[1][1]   0.02328976 
_atom_sites.fract_transf_matrix[1][2]   0.00029805 
_atom_sites.fract_transf_matrix[1][3]   -0.00695615 
_atom_sites.fract_transf_matrix[2][1]   -0.00413025 
_atom_sites.fract_transf_matrix[2][2]   -0.02362194 
_atom_sites.fract_transf_matrix[2][3]   -0.01484054 
_atom_sites.fract_transf_matrix[3][1]   -0.00102352 
_atom_sites.fract_transf_matrix[3][2]   0.02158550 
_atom_sites.fract_transf_matrix[3][3]   -0.03407315 
_atom_sites.fract_transf_vector[1]      0.202358 
_atom_sites.fract_transf_vector[2]      0.013417 
_atom_sites.fract_transf_vector[3]      0.358915 
# 
_atom_sites_footnote.id     1 
_atom_sites_footnote.text   'CIS PROLINE - PRO      30' 
# 
loop_
_atom_type.symbol 
C 
N 
O 
S 
# 
loop_
_atom_site.group_PDB 
_atom_site.id 
_atom_site.type_symbol 
_atom_site.label_atom_id 
_atom_site.label_alt_id 
_atom_site.label_comp_id 
_atom_site.label_asym_id 
_atom_site.label_entity_id 
_atom_site.label_seq_id 
_atom_site.pdbx_PDB_ins_code 
_atom_site.Cartn_x 
_atom_site.Cartn_y 
_atom_site.Cartn_z 
_atom_site.occupancy 
_atom_site.B_iso_or_equiv 
_atom_site.pdbx_formal_charge 
_atom_site.auth_seq_id 
_atom_site.auth_comp_id 
_atom_site.auth_asym_id 
_atom_site.auth_atom_id 
_atom_site.pdbx_PDB_model_num 
ATOM   1   N N   . GLN A 1 1  ? 13.233  -1.168  -12.846 1.00 32.80 ? -1  GLN A N   1 
ATOM   2   C CA  . GLN A 1 1  ? 12.862  -2.259  -11.943 1.00 32.06 ? -1  GLN A CA  1 
ATOM   3   C C   . GLN A 1 1  ? 11.882  -1.731  -10.886 1.00 32.54 ? -1  GLN A C   1 
ATOM   4   O O   . GLN A 1 1  ? 12.092  -0.663  -10.264 1.00 34.80 ? -1  GLN A O   1 
ATOM   5   C CB  . GLN A 1 1  ? 14.121  -2.891  -11.353 1.00 30.78 ? -1  GLN A CB  1 
ATOM   6   C CG  . GLN A 1 1  ? 15.161  -3.246  -12.416 1.00 34.02 ? -1  GLN A CG  1 
ATOM   7   C CD  . GLN A 1 1  ? 15.119  -4.649  -12.995 1.00 34.73 ? -1  GLN A CD  1 
ATOM   8   O OE1 . GLN A 1 1  ? 16.002  -5.202  -13.653 1.00 30.29 ? -1  GLN A OE1 1 
ATOM   9   N NE2 . GLN A 1 1  ? 13.979  -5.295  -12.725 1.00 35.00 ? -1  GLN A NE2 1 
ATOM   10  N N   . ASP A 1 2  ? 10.799  -2.445  -10.695 1.00 28.51 ? 0   ASP A N   1 
ATOM   11  C CA  . ASP A 1 2  ? 9.789   -2.166  -9.673  1.00 27.47 ? 0   ASP A CA  1 
ATOM   12  C C   . ASP A 1 2  ? 9.850   -3.341  -8.684  1.00 27.28 ? 0   ASP A C   1 
ATOM   13  O O   . ASP A 1 2  ? 9.153   -4.359  -8.935  1.00 27.94 ? 0   ASP A O   1 
ATOM   14  C CB  . ASP A 1 2  ? 8.424   -2.008  -10.310 1.00 31.90 ? 0   ASP A CB  1 
ATOM   15  C CG  . ASP A 1 2  ? 7.388   -1.304  -9.446  1.00 31.65 ? 0   ASP A CG  1 
ATOM   16  O OD1 . ASP A 1 2  ? 7.772   -0.513  -8.576  1.00 34.61 ? 0   ASP A OD1 1 
ATOM   17  O OD2 . ASP A 1 2  ? 6.203   -1.470  -9.792  1.00 31.66 ? 0   ASP A OD2 1 
ATOM   18  N N   . CYS A 1 3  ? 10.705  -3.223  -7.725  1.00 24.15 ? 1   CYS A N   1 
ATOM   19  C CA  . CYS A 1 3  ? 11.028  -4.121  -6.633  1.00 24.84 ? 1   CYS A CA  1 
ATOM   20  C C   . CYS A 1 3  ? 11.176  -3.272  -5.348  1.00 24.97 ? 1   CYS A C   1 
ATOM   21  O O   . CYS A 1 3  ? 10.923  -2.047  -5.442  1.00 26.48 ? 1   CYS A O   1 
ATOM   22  C CB  . CYS A 1 3  ? 12.323  -4.906  -6.905  1.00 24.72 ? 1   CYS A CB  1 
ATOM   23  S SG  . CYS A 1 3  ? 13.596  -4.114  -7.946  1.00 21.72 ? 1   CYS A SG  1 
ATOM   24  N N   . TYR A 1 4  ? 11.577  -3.818  -4.232  1.00 24.27 ? 2   TYR A N   1 
ATOM   25  C CA  . TYR A 1 4  ? 11.817  -2.953  -3.024  1.00 27.80 ? 2   TYR A CA  1 
ATOM   26  C C   . TYR A 1 4  ? 13.047  -3.471  -2.278  1.00 27.55 ? 2   TYR A C   1 
ATOM   27  O O   . TYR A 1 4  ? 13.600  -4.504  -2.738  1.00 26.00 ? 2   TYR A O   1 
ATOM   28  C CB  . TYR A 1 4  ? 10.510  -2.775  -2.218  1.00 26.91 ? 2   TYR A CB  1 
ATOM   29  C CG  . TYR A 1 4  ? 10.038  -4.068  -1.607  1.00 26.26 ? 2   TYR A CG  1 
ATOM   30  C CD1 . TYR A 1 4  ? 10.657  -4.515  -0.436  1.00 25.88 ? 2   TYR A CD1 1 
ATOM   31  C CD2 . TYR A 1 4  ? 9.110   -4.902  -2.258  1.00 27.82 ? 2   TYR A CD2 1 
ATOM   32  C CE1 . TYR A 1 4  ? 10.297  -5.706  0.181   1.00 24.60 ? 2   TYR A CE1 1 
ATOM   33  C CE2 . TYR A 1 4  ? 8.754   -6.132  -1.668  1.00 26.98 ? 2   TYR A CE2 1 
ATOM   34  C CZ  . TYR A 1 4  ? 9.352   -6.504  -0.461  1.00 27.52 ? 2   TYR A CZ  1 
ATOM   35  O OH  . TYR A 1 4  ? 9.004   -7.664  0.174   1.00 32.45 ? 2   TYR A OH  1 
ATOM   36  N N   . HIS A 1 5  ? 13.554  -2.779  -1.265  1.00 29.38 ? 3   HIS A N   1 
ATOM   37  C CA  . HIS A 1 5  ? 14.803  -3.249  -0.606  1.00 31.13 ? 3   HIS A CA  1 
ATOM   38  C C   . HIS A 1 5  ? 14.726  -3.520  0.894   1.00 32.09 ? 3   HIS A C   1 
ATOM   39  O O   . HIS A 1 5  ? 15.058  -2.733  1.792   1.00 32.57 ? 3   HIS A O   1 
ATOM   40  C CB  . HIS A 1 5  ? 16.011  -2.320  -0.868  1.00 28.07 ? 3   HIS A CB  1 
ATOM   41  C CG  . HIS A 1 5  ? 16.423  -2.082  -2.282  1.00 27.50 ? 3   HIS A CG  1 
ATOM   42  N ND1 . HIS A 1 5  ? 17.425  -2.838  -2.920  1.00 23.71 ? 3   HIS A ND1 1 
ATOM   43  C CD2 . HIS A 1 5  ? 16.025  -1.100  -3.149  1.00 26.41 ? 3   HIS A CD2 1 
ATOM   44  C CE1 . HIS A 1 5  ? 17.551  -2.368  -4.144  1.00 26.07 ? 3   HIS A CE1 1 
ATOM   45  N NE2 . HIS A 1 5  ? 16.710  -1.360  -4.321  1.00 27.52 ? 3   HIS A NE2 1 
ATOM   46  N N   . GLY A 1 6  ? 14.383  -4.753  1.270   1.00 32.28 ? 4   GLY A N   1 
ATOM   47  C CA  . GLY A 1 6  ? 14.315  -5.104  2.696   1.00 30.39 ? 4   GLY A CA  1 
ATOM   48  C C   . GLY A 1 6  ? 12.958  -4.766  3.276   1.00 27.00 ? 4   GLY A C   1 
ATOM   49  O O   . GLY A 1 6  ? 12.211  -5.768  3.327   1.00 29.56 ? 4   GLY A O   1 
ATOM   50  N N   . ASP A 1 7  ? 12.675  -3.559  3.764   1.00 23.13 ? 5   ASP A N   1 
ATOM   51  C CA  . ASP A 1 7  ? 11.279  -3.392  4.292   1.00 19.64 ? 5   ASP A CA  1 
ATOM   52  C C   . ASP A 1 7  ? 10.389  -2.626  3.312   1.00 15.29 ? 5   ASP A C   1 
ATOM   53  O O   . ASP A 1 7  ? 9.166   -2.565  3.593   1.00 13.92 ? 5   ASP A O   1 
ATOM   54  C CB  . ASP A 1 7  ? 11.044  -3.097  5.732   1.00 17.87 ? 5   ASP A CB  1 
ATOM   55  C CG  . ASP A 1 7  ? 11.103  -1.688  6.249   1.00 19.65 ? 5   ASP A CG  1 
ATOM   56  O OD1 . ASP A 1 7  ? 10.969  -0.731  5.441   1.00 22.51 ? 5   ASP A OD1 1 
ATOM   57  O OD2 . ASP A 1 7  ? 11.357  -1.485  7.444   1.00 18.69 ? 5   ASP A OD2 1 
ATOM   58  N N   . GLY A 1 8  ? 10.956  -2.076  2.271   1.00 11.81 ? 6   GLY A N   1 
ATOM   59  C CA  . GLY A 1 8  ? 10.176  -1.327  1.294   1.00 13.77 ? 6   GLY A CA  1 
ATOM   60  C C   . GLY A 1 8  ? 9.528   -0.026  1.745   1.00 15.10 ? 6   GLY A C   1 
ATOM   61  O O   . GLY A 1 8  ? 8.599   0.426   1.014   1.00 13.33 ? 6   GLY A O   1 
ATOM   62  N N   . GLN A 1 9  ? 9.928   0.587   2.858   1.00 16.04 ? 7   GLN A N   1 
ATOM   63  C CA  . GLN A 1 9  ? 9.362   1.894   3.277   1.00 17.10 ? 7   GLN A CA  1 
ATOM   64  C C   . GLN A 1 9  ? 9.920   2.951   2.280   1.00 18.85 ? 7   GLN A C   1 
ATOM   65  O O   . GLN A 1 9  ? 9.356   4.044   2.067   1.00 16.98 ? 7   GLN A O   1 
ATOM   66  C CB  . GLN A 1 9  ? 9.818   2.386   4.648   1.00 19.72 ? 7   GLN A CB  1 
ATOM   67  C CG  . GLN A 1 9  ? 9.682   1.483   5.820   1.00 18.52 ? 7   GLN A CG  1 
ATOM   68  C CD  . GLN A 1 9  ? 9.443   2.180   7.147   1.00 21.27 ? 7   GLN A CD  1 
ATOM   69  O OE1 . GLN A 1 9  ? 8.510   2.966   7.280   1.00 18.00 ? 7   GLN A OE1 1 
ATOM   70  N NE2 . GLN A 1 9  ? 10.318  1.828   8.110   1.00 20.07 ? 7   GLN A NE2 1 
ATOM   71  N N   . SER A 1 10 ? 11.025  2.515   1.675   1.00 18.07 ? 8   SER A N   1 
ATOM   72  C CA  . SER A 1 10 ? 11.785  3.314   0.698   1.00 17.98 ? 8   SER A CA  1 
ATOM   73  C C   . SER A 1 10 ? 11.067  3.505   -0.640  1.00 14.97 ? 8   SER A C   1 
ATOM   74  O O   . SER A 1 10 ? 11.249  4.513   -1.357  1.00 11.20 ? 8   SER A O   1 
ATOM   75  C CB  . SER A 1 10 ? 13.184  2.738   0.410   1.00 17.91 ? 8   SER A CB  1 
ATOM   76  O OG  . SER A 1 10 ? 13.313  1.362   0.743   1.00 24.63 ? 8   SER A OG  1 
ATOM   77  N N   . TYR A 1 11 ? 10.280  2.502   -0.929  1.00 14.45 ? 9   TYR A N   1 
ATOM   78  C CA  . TYR A 1 11 ? 9.557   2.420   -2.216  1.00 14.69 ? 9   TYR A CA  1 
ATOM   79  C C   . TYR A 1 11 ? 8.587   3.562   -2.511  1.00 13.81 ? 9   TYR A C   1 
ATOM   80  O O   . TYR A 1 11 ? 7.878   4.143   -1.660  1.00 11.89 ? 9   TYR A O   1 
ATOM   81  C CB  . TYR A 1 11 ? 8.919   1.042   -2.280  1.00 18.62 ? 9   TYR A CB  1 
ATOM   82  C CG  . TYR A 1 11 ? 8.082   0.796   -3.539  1.00 19.70 ? 9   TYR A CG  1 
ATOM   83  C CD1 . TYR A 1 11 ? 8.718   0.346   -4.710  1.00 14.28 ? 9   TYR A CD1 1 
ATOM   84  C CD2 . TYR A 1 11 ? 6.716   1.058   -3.508  1.00 10.65 ? 9   TYR A CD2 1 
ATOM   85  C CE1 . TYR A 1 11 ? 7.981   0.075   -5.856  1.00 11.81 ? 9   TYR A CE1 1 
ATOM   86  C CE2 . TYR A 1 11 ? 5.992   0.818   -4.678  1.00 16.58 ? 9   TYR A CE2 1 
ATOM   87  C CZ  . TYR A 1 11 ? 6.634   0.300   -5.825  1.00 11.16 ? 9   TYR A CZ  1 
ATOM   88  O OH  . TYR A 1 11 ? 5.827   0.108   -6.913  1.00 18.01 ? 9   TYR A OH  1 
ATOM   89  N N   . ARG A 1 12 ? 8.564   3.812   -3.800  1.00 11.49 ? 10  ARG A N   1 
ATOM   90  C CA  . ARG A 1 12 ? 7.827   4.947   -4.382  1.00 11.78 ? 10  ARG A CA  1 
ATOM   91  C C   . ARG A 1 12 ? 7.363   4.639   -5.777  1.00 11.25 ? 10  ARG A C   1 
ATOM   92  O O   . ARG A 1 12 ? 6.823   5.459   -6.556  1.00 12.85 ? 10  ARG A O   1 
ATOM   93  C CB  . ARG A 1 12 ? 8.742   6.180   -4.253  1.00 13.15 ? 10  ARG A CB  1 
ATOM   94  C CG  . ARG A 1 12 ? 8.974   6.576   -2.771  1.00 14.43 ? 10  ARG A CG  1 
ATOM   95  C CD  . ARG A 1 12 ? 7.685   7.176   -2.240  1.00 13.29 ? 10  ARG A CD  1 
ATOM   96  N NE  . ARG A 1 12 ? 7.744   7.573   -0.884  1.00 13.16 ? 10  ARG A NE  1 
ATOM   97  C CZ  . ARG A 1 12 ? 7.959   6.963   0.280   1.00 12.42 ? 10  ARG A CZ  1 
ATOM   98  N NH1 . ARG A 1 12 ? 8.184   5.654   0.434   1.00 8.11  ? 10  ARG A NH1 1 
ATOM   99  N NH2 . ARG A 1 12 ? 7.988   7.803   1.337   1.00 11.12 ? 10  ARG A NH2 1 
ATOM   100 N N   . GLY A 1 13 ? 7.486   3.382   -6.156  1.00 12.96 ? 11  GLY A N   1 
ATOM   101 C CA  . GLY A 1 13 ? 6.925   2.852   -7.427  1.00 14.84 ? 11  GLY A CA  1 
ATOM   102 C C   . GLY A 1 13 ? 5.385   2.979   -7.419  1.00 14.92 ? 11  GLY A C   1 
ATOM   103 O O   . GLY A 1 13 ? 4.718   3.347   -6.428  1.00 15.35 ? 11  GLY A O   1 
ATOM   104 N N   . THR A 1 14 ? 4.830   2.643   -8.581  1.00 14.65 ? 12  THR A N   1 
ATOM   105 C CA  . THR A 1 14 ? 3.376   2.776   -8.859  1.00 12.77 ? 12  THR A CA  1 
ATOM   106 C C   . THR A 1 14 ? 2.636   1.480   -9.146  1.00 11.70 ? 12  THR A C   1 
ATOM   107 O O   . THR A 1 14 ? 1.857   1.234   -10.058 1.00 9.80  ? 12  THR A O   1 
ATOM   108 C CB  . THR A 1 14 ? 3.243   3.826   -10.043 1.00 12.07 ? 12  THR A CB  1 
ATOM   109 O OG1 . THR A 1 14 ? 4.078   3.130   -11.038 1.00 13.89 ? 12  THR A OG1 1 
ATOM   110 C CG2 . THR A 1 14 ? 3.673   5.251   -9.706  1.00 7.00  ? 12  THR A CG2 1 
ATOM   111 N N   . SER A 1 15 ? 3.076   0.522   -8.352  1.00 11.34 ? 13  SER A N   1 
ATOM   112 C CA  . SER A 1 15 ? 2.583   -0.864  -8.286  1.00 13.84 ? 13  SER A CA  1 
ATOM   113 C C   . SER A 1 15 ? 1.358   -0.695  -7.386  1.00 13.06 ? 13  SER A C   1 
ATOM   114 O O   . SER A 1 15 ? 1.501   0.009   -6.330  1.00 12.69 ? 13  SER A O   1 
ATOM   115 C CB  . SER A 1 15 ? 3.721   -1.655  -7.638  1.00 11.52 ? 13  SER A CB  1 
ATOM   116 O OG  . SER A 1 15 ? 3.608   -2.960  -8.129  1.00 21.60 ? 13  SER A OG  1 
ATOM   117 N N   . SER A 1 16 ? 0.208   -1.130  -7.812  1.00 12.72 ? 14  SER A N   1 
ATOM   118 C CA  . SER A 1 16 ? -0.990  -0.795  -7.005  1.00 14.97 ? 14  SER A CA  1 
ATOM   119 C C   . SER A 1 16 ? -1.881  -2.028  -6.986  1.00 15.71 ? 14  SER A C   1 
ATOM   120 O O   . SER A 1 16 ? -3.129  -1.954  -6.979  1.00 13.21 ? 14  SER A O   1 
ATOM   121 C CB  . SER A 1 16 ? -1.715  0.373   -7.730  1.00 17.00 ? 14  SER A CB  1 
ATOM   122 O OG  . SER A 1 16 ? -2.272  -0.298  -8.906  1.00 22.45 ? 14  SER A OG  1 
ATOM   123 N N   . THR A 1 17 ? -1.174  -3.152  -6.953  1.00 16.28 ? 15  THR A N   1 
ATOM   124 C CA  . THR A 1 17 ? -1.905  -4.413  -6.969  1.00 17.37 ? 15  THR A CA  1 
ATOM   125 C C   . THR A 1 17 ? -1.323  -5.355  -5.957  1.00 17.69 ? 15  THR A C   1 
ATOM   126 O O   . THR A 1 17 ? -0.146  -5.433  -5.647  1.00 18.79 ? 15  THR A O   1 
ATOM   127 C CB  . THR A 1 17 ? -2.120  -5.005  -8.414  1.00 19.43 ? 15  THR A CB  1 
ATOM   128 O OG1 . THR A 1 17 ? -1.342  -6.226  -8.465  1.00 21.91 ? 15  THR A OG1 1 
ATOM   129 C CG2 . THR A 1 17 ? -1.753  -4.056  -9.543  1.00 16.81 ? 15  THR A CG2 1 
ATOM   130 N N   . THR A 1 18 ? -2.292  -6.003  -5.338  1.00 18.18 ? 16  THR A N   1 
ATOM   131 C CA  . THR A 1 18 ? -2.174  -6.958  -4.277  1.00 16.54 ? 16  THR A CA  1 
ATOM   132 C C   . THR A 1 18 ? -1.414  -8.202  -4.760  1.00 18.09 ? 16  THR A C   1 
ATOM   133 O O   . THR A 1 18 ? -1.145  -8.520  -5.939  1.00 14.67 ? 16  THR A O   1 
ATOM   134 C CB  . THR A 1 18 ? -3.654  -7.294  -3.840  1.00 19.77 ? 16  THR A CB  1 
ATOM   135 O OG1 . THR A 1 18 ? -3.929  -6.497  -2.633  1.00 26.00 ? 16  THR A OG1 1 
ATOM   136 C CG2 . THR A 1 18 ? -3.946  -8.781  -3.735  1.00 19.92 ? 16  THR A CG2 1 
ATOM   137 N N   . THR A 1 19 ? -1.084  -8.929  -3.698  1.00 17.20 ? 17  THR A N   1 
ATOM   138 C CA  . THR A 1 19 ? -0.339  -10.182 -3.769  1.00 17.26 ? 17  THR A CA  1 
ATOM   139 C C   . THR A 1 19 ? -1.187  -11.270 -4.430  1.00 16.06 ? 17  THR A C   1 
ATOM   140 O O   . THR A 1 19 ? -0.772  -12.150 -5.202  1.00 14.11 ? 17  THR A O   1 
ATOM   141 C CB  . THR A 1 19 ? 0.149   -10.431 -2.297  1.00 16.37 ? 17  THR A CB  1 
ATOM   142 O OG1 . THR A 1 19 ? 1.237   -11.348 -2.444  1.00 22.11 ? 17  THR A OG1 1 
ATOM   143 C CG2 . THR A 1 19 ? -0.895  -10.883 -1.279  1.00 20.33 ? 17  THR A CG2 1 
ATOM   144 N N   . THR A 1 20 ? -2.467  -11.117 -4.261  1.00 14.51 ? 18  THR A N   1 
ATOM   145 C CA  . THR A 1 20 ? -3.523  -12.024 -4.739  1.00 15.52 ? 18  THR A CA  1 
ATOM   146 C C   . THR A 1 20 ? -4.169  -11.457 -5.999  1.00 14.14 ? 18  THR A C   1 
ATOM   147 O O   . THR A 1 20 ? -5.238  -11.980 -6.399  1.00 18.60 ? 18  THR A O   1 
ATOM   148 C CB  . THR A 1 20 ? -4.584  -12.162 -3.615  1.00 9.02  ? 18  THR A CB  1 
ATOM   149 N N   . GLY A 1 21 ? -3.594  -10.431 -6.586  1.00 11.91 ? 19  GLY A N   1 
ATOM   150 C CA  . GLY A 1 21 ? -4.070  -9.789  -7.809  1.00 9.88  ? 19  GLY A CA  1 
ATOM   151 C C   . GLY A 1 21 ? -5.265  -8.850  -7.675  1.00 7.76  ? 19  GLY A C   1 
ATOM   152 O O   . GLY A 1 21 ? -6.032  -8.686  -8.658  1.00 7.56  ? 19  GLY A O   1 
ATOM   153 N N   . LYS A 1 22 ? -5.439  -8.270  -6.496  1.00 7.00  ? 20  LYS A N   1 
ATOM   154 C CA  . LYS A 1 22 ? -6.573  -7.332  -6.288  1.00 8.57  ? 20  LYS A CA  1 
ATOM   155 C C   . LYS A 1 22 ? -6.089  -5.865  -6.415  1.00 9.66  ? 20  LYS A C   1 
ATOM   156 O O   . LYS A 1 22 ? -4.953  -5.543  -5.953  1.00 7.00  ? 20  LYS A O   1 
ATOM   157 C CB  . LYS A 1 22 ? -7.209  -7.456  -4.905  1.00 7.00  ? 20  LYS A CB  1 
ATOM   158 C CG  . LYS A 1 22 ? -7.467  -8.827  -4.391  1.00 7.61  ? 20  LYS A CG  1 
ATOM   159 C CD  . LYS A 1 22 ? -8.270  -8.926  -3.106  1.00 14.96 ? 20  LYS A CD  1 
ATOM   160 C CE  . LYS A 1 22 ? -8.941  -10.286 -2.916  1.00 16.64 ? 20  LYS A CE  1 
ATOM   161 N NZ  . LYS A 1 22 ? -7.925  -11.344 -2.626  1.00 19.05 ? 20  LYS A NZ  1 
ATOM   162 N N   . LYS A 1 23 ? -6.997  -5.042  -6.925  1.00 7.00  ? 21  LYS A N   1 
ATOM   163 C CA  . LYS A 1 23 ? -6.761  -3.596  -6.977  1.00 7.49  ? 21  LYS A CA  1 
ATOM   164 C C   . LYS A 1 23 ? -6.572  -3.074  -5.559  1.00 8.90  ? 21  LYS A C   1 
ATOM   165 O O   . LYS A 1 23 ? -7.191  -3.615  -4.591  1.00 7.36  ? 21  LYS A O   1 
ATOM   166 C CB  . LYS A 1 23 ? -7.978  -2.881  -7.597  1.00 10.10 ? 21  LYS A CB  1 
ATOM   167 C CG  . LYS A 1 23 ? -7.567  -1.421  -7.994  1.00 13.47 ? 21  LYS A CG  1 
ATOM   168 C CD  . LYS A 1 23 ? -8.467  -0.958  -9.131  1.00 16.05 ? 21  LYS A CD  1 
ATOM   169 C CE  . LYS A 1 23 ? -7.780  0.047   -9.997  1.00 16.17 ? 21  LYS A CE  1 
ATOM   170 N NZ  . LYS A 1 23 ? -7.918  -0.254  -11.450 1.00 24.00 ? 21  LYS A NZ  1 
ATOM   171 N N   . CYS A 1 24 ? -5.632  -2.132  -5.398  1.00 10.37 ? 22  CYS A N   1 
ATOM   172 C CA  . CYS A 1 24 ? -5.302  -1.525  -4.091  1.00 10.72 ? 22  CYS A CA  1 
ATOM   173 C C   . CYS A 1 24 ? -6.341  -0.369  -3.827  1.00 11.97 ? 22  CYS A C   1 
ATOM   174 O O   . CYS A 1 24 ? -6.612  0.313   -4.844  1.00 7.00  ? 22  CYS A O   1 
ATOM   175 C CB  . CYS A 1 24 ? -3.938  -0.849  -4.062  1.00 8.46  ? 22  CYS A CB  1 
ATOM   176 S SG  . CYS A 1 24 ? -2.527  -1.905  -3.698  1.00 10.66 ? 22  CYS A SG  1 
ATOM   177 N N   . GLN A 1 25 ? -6.856  -0.324  -2.572  1.00 8.16  ? 23  GLN A N   1 
ATOM   178 C CA  . GLN A 1 25 ? -7.804  0.798   -2.360  1.00 13.02 ? 23  GLN A CA  1 
ATOM   179 C C   . GLN A 1 25 ? -6.937  2.085   -2.361  1.00 14.04 ? 23  GLN A C   1 
ATOM   180 O O   . GLN A 1 25 ? -5.876  1.875   -1.729  1.00 17.12 ? 23  GLN A O   1 
ATOM   181 C CB  . GLN A 1 25 ? -8.422  0.774   -0.934  1.00 14.04 ? 23  GLN A CB  1 
ATOM   182 C CG  . GLN A 1 25 ? -9.663  1.646   -0.809  1.00 18.21 ? 23  GLN A CG  1 
ATOM   183 C CD  . GLN A 1 25 ? -10.438 1.403   0.482   1.00 12.69 ? 23  GLN A CD  1 
ATOM   184 O OE1 . GLN A 1 25 ? -11.043 0.365   0.638   1.00 18.39 ? 23  GLN A OE1 1 
ATOM   185 N NE2 . GLN A 1 25 ? -10.324 2.325   1.420   1.00 16.76 ? 23  GLN A NE2 1 
ATOM   186 N N   . SER A 1 26 ? -7.393  3.221   -2.824  1.00 10.15 ? 24  SER A N   1 
ATOM   187 C CA  . SER A 1 26 ? -6.745  4.484   -2.686  1.00 11.97 ? 24  SER A CA  1 
ATOM   188 C C   . SER A 1 26 ? -6.671  4.839   -1.180  1.00 13.70 ? 24  SER A C   1 
ATOM   189 O O   . SER A 1 26 ? -7.692  4.734   -0.466  1.00 7.96  ? 24  SER A O   1 
ATOM   190 C CB  . SER A 1 26 ? -7.528  5.662   -3.304  1.00 15.33 ? 24  SER A CB  1 
ATOM   191 O OG  . SER A 1 26 ? -7.545  5.493   -4.704  1.00 21.16 ? 24  SER A OG  1 
ATOM   192 N N   . TRP A 1 27 ? -5.484  5.341   -0.826  1.00 15.21 ? 25  TRP A N   1 
ATOM   193 C CA  . TRP A 1 27 ? -5.172  5.700   0.574   1.00 18.01 ? 25  TRP A CA  1 
ATOM   194 C C   . TRP A 1 27 ? -6.136  6.597   1.309   1.00 19.71 ? 25  TRP A C   1 
ATOM   195 O O   . TRP A 1 27 ? -6.316  6.535   2.539   1.00 19.39 ? 25  TRP A O   1 
ATOM   196 C CB  . TRP A 1 27 ? -3.749  6.365   0.599   1.00 16.15 ? 25  TRP A CB  1 
ATOM   197 C CG  . TRP A 1 27 ? -2.734  5.317   0.309   1.00 11.88 ? 25  TRP A CG  1 
ATOM   198 C CD1 . TRP A 1 27 ? -2.101  5.099   -0.886  1.00 12.58 ? 25  TRP A CD1 1 
ATOM   199 C CD2 . TRP A 1 27 ? -2.378  4.221   1.164   1.00 10.87 ? 25  TRP A CD2 1 
ATOM   200 N NE1 . TRP A 1 27 ? -1.346  3.934   -0.797  1.00 11.02 ? 25  TRP A NE1 1 
ATOM   201 C CE2 . TRP A 1 27 ? -1.443  3.429   0.465   1.00 7.00  ? 25  TRP A CE2 1 
ATOM   202 C CE3 . TRP A 1 27 ? -2.741  3.833   2.441   1.00 13.13 ? 25  TRP A CE3 1 
ATOM   203 C CZ2 . TRP A 1 27 ? -0.894  2.275   1.007   1.00 8.82  ? 25  TRP A CZ2 1 
ATOM   204 C CZ3 . TRP A 1 27 ? -2.153  2.698   2.992   1.00 13.01 ? 25  TRP A CZ3 1 
ATOM   205 C CH2 . TRP A 1 27 ? -1.199  1.933   2.283   1.00 11.02 ? 25  TRP A CH2 1 
ATOM   206 N N   . SER A 1 28 ? -6.668  7.586   0.582   1.00 21.92 ? 26  SER A N   1 
ATOM   207 C CA  . SER A 1 28 ? -7.555  8.585   1.208   1.00 23.17 ? 26  SER A CA  1 
ATOM   208 C C   . SER A 1 28 ? -9.041  8.237   1.107   1.00 22.79 ? 26  SER A C   1 
ATOM   209 O O   . SER A 1 28 ? -9.870  8.916   1.751   1.00 22.97 ? 26  SER A O   1 
ATOM   210 C CB  . SER A 1 28 ? -7.247  9.961   0.611   1.00 21.40 ? 26  SER A CB  1 
ATOM   211 O OG  . SER A 1 28 ? -8.164  10.098  -0.502  1.00 25.95 ? 26  SER A OG  1 
ATOM   212 N N   . SER A 1 29 ? -9.375  7.233   0.325   1.00 21.81 ? 27  SER A N   1 
ATOM   213 C CA  . SER A 1 29 ? -10.769 6.810   0.109   1.00 19.18 ? 27  SER A CA  1 
ATOM   214 C C   . SER A 1 29 ? -11.123 6.072   1.401   1.00 20.52 ? 27  SER A C   1 
ATOM   215 O O   . SER A 1 29 ? -10.175 5.428   1.865   1.00 17.22 ? 27  SER A O   1 
ATOM   216 C CB  . SER A 1 29 ? -10.941 5.950   -1.109  1.00 21.95 ? 27  SER A CB  1 
ATOM   217 O OG  . SER A 1 29 ? -12.169 5.267   -1.268  1.00 16.72 ? 27  SER A OG  1 
ATOM   218 N N   . MET A 1 30 ? -12.366 6.290   1.890   1.00 19.46 ? 28  MET A N   1 
ATOM   219 C CA  . MET A 1 30 ? -12.693 5.523   3.129   1.00 20.79 ? 28  MET A CA  1 
ATOM   220 C C   . MET A 1 30 ? -13.681 4.402   2.749   1.00 20.29 ? 28  MET A C   1 
ATOM   221 O O   . MET A 1 30 ? -14.315 3.795   3.621   1.00 17.35 ? 28  MET A O   1 
ATOM   222 C CB  . MET A 1 30 ? -13.182 6.402   4.258   1.00 21.19 ? 28  MET A CB  1 
ATOM   223 C CG  . MET A 1 30 ? -12.196 7.534   4.489   1.00 18.84 ? 28  MET A CG  1 
ATOM   224 S SD  . MET A 1 30 ? -10.910 6.919   5.622   1.00 20.61 ? 28  MET A SD  1 
ATOM   225 C CE  . MET A 1 30 ? -9.525  7.931   5.056   1.00 19.81 ? 28  MET A CE  1 
ATOM   226 N N   . THR A 1 31 ? -13.649 4.131   1.451   1.00 18.25 ? 29  THR A N   1 
ATOM   227 C CA  . THR A 1 31 ? -14.525 3.124   0.840   1.00 20.01 ? 29  THR A CA  1 
ATOM   228 C C   . THR A 1 31 ? -13.751 2.208   -0.098  1.00 17.58 ? 29  THR A C   1 
ATOM   229 O O   . THR A 1 31 ? -13.089 2.694   -1.018  1.00 16.74 ? 29  THR A O   1 
ATOM   230 C CB  . THR A 1 31 ? -15.642 3.926   -0.021  1.00 20.20 ? 29  THR A CB  1 
ATOM   231 O OG1 . THR A 1 31 ? -16.332 2.935   -0.833  1.00 19.33 ? 29  THR A OG1 1 
ATOM   232 C CG2 . THR A 1 31 ? -15.100 5.079   -0.844  1.00 20.59 ? 29  THR A CG2 1 
ATOM   233 N N   . PRO A 1 32 ? -13.769 0.904   0.062   1.00 18.91 ? 30  PRO A N   1 
ATOM   234 C CA  . PRO A 1 32 ? -14.469 0.125   1.036   1.00 20.01 ? 30  PRO A CA  1 
ATOM   235 C C   . PRO A 1 32 ? -13.944 0.122   2.476   1.00 19.95 ? 30  PRO A C   1 
ATOM   236 O O   . PRO A 1 32 ? -14.802 -0.249  3.339   1.00 19.46 ? 30  PRO A O   1 
ATOM   237 C CB  . PRO A 1 32 ? -14.301 -1.350  0.584   1.00 20.84 ? 30  PRO A CB  1 
ATOM   238 C CG  . PRO A 1 32 ? -13.413 -1.341  -0.609  1.00 21.91 ? 30  PRO A CG  1 
ATOM   239 C CD  . PRO A 1 32 ? -13.081 0.069   -0.968  1.00 21.33 ? 30  PRO A CD  1 
ATOM   240 N N   . HIS A 1 33 ? -12.650 0.361   2.699   1.00 16.52 ? 31  HIS A N   1 
ATOM   241 C CA  . HIS A 1 33 ? -12.131 0.285   4.071   1.00 14.46 ? 31  HIS A CA  1 
ATOM   242 C C   . HIS A 1 33 ? -11.887 1.643   4.653   1.00 15.29 ? 31  HIS A C   1 
ATOM   243 O O   . HIS A 1 33 ? -11.247 2.507   4.019   1.00 20.98 ? 31  HIS A O   1 
ATOM   244 C CB  . HIS A 1 33 ? -10.895 -0.646  4.240   1.00 13.58 ? 31  HIS A CB  1 
ATOM   245 C CG  . HIS A 1 33 ? -11.190 -1.918  3.465   1.00 14.77 ? 31  HIS A CG  1 
ATOM   246 N ND1 . HIS A 1 33 ? -11.980 -2.933  3.920   1.00 14.03 ? 31  HIS A ND1 1 
ATOM   247 C CD2 . HIS A 1 33 ? -10.812 -2.260  2.207   1.00 16.07 ? 31  HIS A CD2 1 
ATOM   248 C CE1 . HIS A 1 33 ? -11.990 -3.898  3.008   1.00 18.56 ? 31  HIS A CE1 1 
ATOM   249 N NE2 . HIS A 1 33 ? -11.340 -3.520  1.930   1.00 16.10 ? 31  HIS A NE2 1 
ATOM   250 N N   . ARG A 1 34 ? -12.480 1.930   5.778   1.00 14.80 ? 32  ARG A N   1 
ATOM   251 C CA  . ARG A 1 34 ? -12.223 3.206   6.492   1.00 14.86 ? 32  ARG A CA  1 
ATOM   252 C C   . ARG A 1 34 ? -10.935 2.873   7.282   1.00 14.17 ? 32  ARG A C   1 
ATOM   253 O O   . ARG A 1 34 ? -10.800 1.718   7.732   1.00 13.96 ? 32  ARG A O   1 
ATOM   254 C CB  . ARG A 1 34 ? -13.433 3.517   7.373   1.00 18.32 ? 32  ARG A CB  1 
ATOM   255 N N   . HIS A 1 35 ? -10.045 3.829   7.380   1.00 12.99 ? 33  HIS A N   1 
ATOM   256 C CA  . HIS A 1 35 ? -8.757  3.663   8.087   1.00 12.34 ? 33  HIS A CA  1 
ATOM   257 C C   . HIS A 1 35 ? -8.130  5.005   8.375   1.00 12.22 ? 33  HIS A C   1 
ATOM   258 O O   . HIS A 1 35 ? -8.612  6.038   7.876   1.00 11.98 ? 33  HIS A O   1 
ATOM   259 C CB  . HIS A 1 35 ? -7.732  2.856   7.203   1.00 12.90 ? 33  HIS A CB  1 
ATOM   260 C CG  . HIS A 1 35 ? -7.468  3.677   5.955   1.00 7.00  ? 33  HIS A CG  1 
ATOM   261 N ND1 . HIS A 1 35 ? -8.054  3.431   4.724   1.00 8.87  ? 33  HIS A ND1 1 
ATOM   262 C CD2 . HIS A 1 35 ? -6.679  4.760   5.805   1.00 7.00  ? 33  HIS A CD2 1 
ATOM   263 C CE1 . HIS A 1 35 ? -7.660  4.380   3.883   1.00 7.00  ? 33  HIS A CE1 1 
ATOM   264 N NE2 . HIS A 1 35 ? -6.858  5.172   4.530   1.00 9.26  ? 33  HIS A NE2 1 
ATOM   265 N N   . GLN A 1 36 ? -7.033  4.992   9.108   1.00 14.16 ? 34  GLN A N   1 
ATOM   266 C CA  . GLN A 1 36 ? -6.279  6.194   9.511   1.00 16.64 ? 34  GLN A CA  1 
ATOM   267 C C   . GLN A 1 36 ? -4.950  6.394   8.758   1.00 17.76 ? 34  GLN A C   1 
ATOM   268 O O   . GLN A 1 36 ? -4.155  7.296   9.100   1.00 14.50 ? 34  GLN A O   1 
ATOM   269 C CB  . GLN A 1 36 ? -6.020  6.201   11.026  1.00 18.65 ? 34  GLN A CB  1 
ATOM   270 C CG  . GLN A 1 36 ? -6.895  7.161   11.822  1.00 24.14 ? 34  GLN A CG  1 
ATOM   271 C CD  . GLN A 1 36 ? -6.786  7.021   13.322  1.00 23.58 ? 34  GLN A CD  1 
ATOM   272 O OE1 . GLN A 1 36 ? -6.331  7.935   14.050  1.00 27.37 ? 34  GLN A OE1 1 
ATOM   273 N NE2 . GLN A 1 36 ? -7.190  5.871   13.836  1.00 23.59 ? 34  GLN A NE2 1 
ATOM   274 N N   . LYS A 1 37 ? -4.677  5.518   7.776   1.00 17.70 ? 35  LYS A N   1 
ATOM   275 C CA  . LYS A 1 37 ? -3.482  5.595   6.963   1.00 16.98 ? 35  LYS A CA  1 
ATOM   276 C C   . LYS A 1 37 ? -3.577  6.652   5.863   1.00 18.35 ? 35  LYS A C   1 
ATOM   277 O O   . LYS A 1 37 ? -3.549  6.281   4.660   1.00 20.03 ? 35  LYS A O   1 
ATOM   278 C CB  . LYS A 1 37 ? -3.006  4.295   6.298   1.00 15.98 ? 35  LYS A CB  1 
ATOM   279 C CG  . LYS A 1 37 ? -1.829  3.774   7.190   1.00 15.55 ? 35  LYS A CG  1 
ATOM   280 C CD  . LYS A 1 37 ? -2.395  3.705   8.600   1.00 13.09 ? 35  LYS A CD  1 
ATOM   281 C CE  . LYS A 1 37 ? -1.574  2.851   9.546   1.00 16.11 ? 35  LYS A CE  1 
ATOM   282 N NZ  . LYS A 1 37 ? -2.234  1.571   9.826   1.00 7.47  ? 35  LYS A NZ  1 
ATOM   283 N N   . THR A 1 38 ? -3.651  7.895   6.319   1.00 18.23 ? 37  THR A N   1 
ATOM   284 C CA  . THR A 1 38 ? -3.714  9.053   5.476   1.00 17.02 ? 37  THR A CA  1 
ATOM   285 C C   . THR A 1 38 ? -2.472  9.971   5.632   1.00 15.17 ? 37  THR A C   1 
ATOM   286 O O   . THR A 1 38 ? -1.811  10.056  6.670   1.00 16.05 ? 37  THR A O   1 
ATOM   287 C CB  . THR A 1 38 ? -4.989  10.001  5.598   1.00 17.64 ? 37  THR A CB  1 
ATOM   288 O OG1 . THR A 1 38 ? -4.605  10.991  6.617   1.00 14.58 ? 37  THR A OG1 1 
ATOM   289 C CG2 . THR A 1 38 ? -6.311  9.308   5.881   1.00 14.64 ? 37  THR A CG2 1 
ATOM   290 N N   . PRO A 1 39 ? -2.232  10.618  4.507   1.00 13.36 ? 38  PRO A N   1 
ATOM   291 C CA  . PRO A 1 39 ? -1.137  11.578  4.363   1.00 16.20 ? 38  PRO A CA  1 
ATOM   292 C C   . PRO A 1 39 ? -1.207  12.649  5.456   1.00 15.37 ? 38  PRO A C   1 
ATOM   293 O O   . PRO A 1 39 ? -0.239  13.361  5.759   1.00 16.31 ? 38  PRO A O   1 
ATOM   294 C CB  . PRO A 1 39 ? -1.279  12.160  2.952   1.00 14.49 ? 38  PRO A CB  1 
ATOM   295 C CG  . PRO A 1 39 ? -2.403  11.414  2.288   1.00 13.73 ? 38  PRO A CG  1 
ATOM   296 C CD  . PRO A 1 39 ? -3.009  10.478  3.255   1.00 13.53 ? 38  PRO A CD  1 
ATOM   297 N N   . GLU A 1 40 ? -2.430  12.757  5.984   1.00 16.16 ? 39  GLU A N   1 
ATOM   298 C CA  . GLU A 1 40 ? -2.638  13.722  7.058   1.00 17.81 ? 39  GLU A CA  1 
ATOM   299 C C   . GLU A 1 40 ? -1.948  13.176  8.316   1.00 17.61 ? 39  GLU A C   1 
ATOM   300 O O   . GLU A 1 40 ? -1.420  13.973  9.090   1.00 20.07 ? 39  GLU A O   1 
ATOM   301 C CB  . GLU A 1 40 ? -4.071  14.073  7.397   1.00 17.62 ? 39  GLU A CB  1 
ATOM   302 C CG  . GLU A 1 40 ? -4.133  15.042  8.588   1.00 16.07 ? 39  GLU A CG  1 
ATOM   303 C CD  . GLU A 1 40 ? -5.495  15.599  8.824   1.00 18.49 ? 39  GLU A CD  1 
ATOM   304 O OE1 . GLU A 1 40 ? -6.022  15.923  7.756   1.00 20.91 ? 39  GLU A OE1 1 
ATOM   305 O OE2 . GLU A 1 40 ? -6.022  15.656  9.925   1.00 21.40 ? 39  GLU A OE2 1 
ATOM   306 N N   . ASN A 1 41 ? -2.012  11.874  8.464   1.00 18.33 ? 40  ASN A N   1 
ATOM   307 C CA  . ASN A 1 41 ? -1.466  11.042  9.506   1.00 17.85 ? 40  ASN A CA  1 
ATOM   308 C C   . ASN A 1 41 ? -0.013  10.649  9.184   1.00 19.48 ? 40  ASN A C   1 
ATOM   309 O O   . ASN A 1 41 ? 0.769   10.463  10.137  1.00 18.92 ? 40  ASN A O   1 
ATOM   310 C CB  . ASN A 1 41 ? -2.351  9.825   9.781   1.00 19.50 ? 40  ASN A CB  1 
ATOM   311 C CG  . ASN A 1 41 ? -3.625  10.053  10.568  1.00 21.57 ? 40  ASN A CG  1 
ATOM   312 O OD1 . ASN A 1 41 ? -3.910  11.156  11.085  1.00 25.55 ? 40  ASN A OD1 1 
ATOM   313 N ND2 . ASN A 1 41 ? -4.513  9.060   10.714  1.00 18.64 ? 40  ASN A ND2 1 
ATOM   314 N N   . TYR A 1 42 ? 0.348   10.545  7.902   1.00 18.61 ? 41  TYR A N   1 
ATOM   315 C CA  . TYR A 1 42 ? 1.745   10.135  7.568   1.00 18.15 ? 41  TYR A CA  1 
ATOM   316 C C   . TYR A 1 42 ? 2.280   10.966  6.403   1.00 18.83 ? 41  TYR A C   1 
ATOM   317 O O   . TYR A 1 42 ? 2.390   10.417  5.276   1.00 17.29 ? 41  TYR A O   1 
ATOM   318 C CB  . TYR A 1 42 ? 1.758   8.631   7.173   1.00 21.02 ? 41  TYR A CB  1 
ATOM   319 C CG  . TYR A 1 42 ? 1.129   7.770   8.244   1.00 20.17 ? 41  TYR A CG  1 
ATOM   320 C CD1 . TYR A 1 42 ? -0.269  7.913   8.435   1.00 22.59 ? 41  TYR A CD1 1 
ATOM   321 C CD2 . TYR A 1 42 ? 1.835   6.914   9.070   1.00 21.40 ? 41  TYR A CD2 1 
ATOM   322 C CE1 . TYR A 1 42 ? -0.919  7.178   9.423   1.00 24.06 ? 41  TYR A CE1 1 
ATOM   323 C CE2 . TYR A 1 42 ? 1.216   6.162   10.064  1.00 20.87 ? 41  TYR A CE2 1 
ATOM   324 C CZ  . TYR A 1 42 ? -0.172  6.307   10.225  1.00 25.64 ? 41  TYR A CZ  1 
ATOM   325 O OH  . TYR A 1 42 ? -0.886  5.654   11.213  1.00 28.13 ? 41  TYR A OH  1 
ATOM   326 N N   . PRO A 1 43 ? 2.641   12.213  6.727   1.00 16.51 ? 42  PRO A N   1 
ATOM   327 C CA  . PRO A 1 43 ? 3.093   13.160  5.738   1.00 17.29 ? 42  PRO A CA  1 
ATOM   328 C C   . PRO A 1 43 ? 4.381   12.798  4.994   1.00 18.26 ? 42  PRO A C   1 
ATOM   329 O O   . PRO A 1 43 ? 4.683   13.409  3.964   1.00 16.83 ? 42  PRO A O   1 
ATOM   330 C CB  . PRO A 1 43 ? 3.143   14.503  6.458   1.00 15.18 ? 42  PRO A CB  1 
ATOM   331 C CG  . PRO A 1 43 ? 2.856   14.255  7.919   1.00 13.74 ? 42  PRO A CG  1 
ATOM   332 C CD  . PRO A 1 43 ? 2.535   12.810  8.077   1.00 15.27 ? 42  PRO A CD  1 
ATOM   333 N N   . ASN A 1 44 ? 5.158   11.852  5.480   1.00 20.63 ? 43  ASN A N   1 
ATOM   334 C CA  . ASN A 1 44 ? 6.427   11.436  4.840   1.00 22.85 ? 43  ASN A CA  1 
ATOM   335 C C   . ASN A 1 44 ? 6.269   10.169  4.003   1.00 25.32 ? 43  ASN A C   1 
ATOM   336 O O   . ASN A 1 44 ? 7.070   9.920   3.084   1.00 27.29 ? 43  ASN A O   1 
ATOM   337 C CB  . ASN A 1 44 ? 7.504   11.307  5.964   1.00 20.50 ? 43  ASN A CB  1 
ATOM   338 C CG  . ASN A 1 44 ? 7.677   12.652  6.677   1.00 19.26 ? 43  ASN A CG  1 
ATOM   339 O OD1 . ASN A 1 44 ? 7.577   12.789  7.894   1.00 18.90 ? 43  ASN A OD1 1 
ATOM   340 N ND2 . ASN A 1 44 ? 7.889   13.731  5.930   1.00 14.52 ? 43  ASN A ND2 1 
ATOM   341 N N   . ALA A 1 45 ? 5.287   9.337   4.300   1.00 25.73 ? 44  ALA A N   1 
ATOM   342 C CA  . ALA A 1 45 ? 4.978   8.057   3.701   1.00 25.66 ? 44  ALA A CA  1 
ATOM   343 C C   . ALA A 1 45 ? 4.673   8.022   2.213   1.00 24.93 ? 44  ALA A C   1 
ATOM   344 O O   . ALA A 1 45 ? 4.989   6.950   1.592   1.00 26.13 ? 44  ALA A O   1 
ATOM   345 C CB  . ALA A 1 45 ? 3.944   7.294   4.530   1.00 24.46 ? 44  ALA A CB  1 
ATOM   346 N N   . GLY A 1 46 ? 4.131   9.031   1.587   1.00 21.04 ? 45  GLY A N   1 
ATOM   347 C CA  . GLY A 1 46 ? 3.913   8.934   0.116   1.00 16.88 ? 45  GLY A CA  1 
ATOM   348 C C   . GLY A 1 46 ? 2.603   8.167   -0.190  1.00 17.07 ? 45  GLY A C   1 
ATOM   349 O O   . GLY A 1 46 ? 2.493   7.446   -1.207  1.00 13.81 ? 45  GLY A O   1 
ATOM   350 N N   . LEU A 1 47 ? 1.663   8.421   0.725   1.00 13.71 ? 46  LEU A N   1 
ATOM   351 C CA  . LEU A 1 47 ? 0.355   7.797   0.749   1.00 13.82 ? 46  LEU A CA  1 
ATOM   352 C C   . LEU A 1 47 ? -0.460  8.557   -0.292  1.00 16.50 ? 46  LEU A C   1 
ATOM   353 O O   . LEU A 1 47 ? -1.406  9.271   0.039   1.00 17.60 ? 46  LEU A O   1 
ATOM   354 C CB  . LEU A 1 47 ? -0.221  7.678   2.157   1.00 9.48  ? 46  LEU A CB  1 
ATOM   355 C CG  . LEU A 1 47 ? 0.231   6.584   3.116   1.00 13.03 ? 46  LEU A CG  1 
ATOM   356 C CD1 . LEU A 1 47 ? 1.730   6.251   3.072   1.00 7.87  ? 46  LEU A CD1 1 
ATOM   357 C CD2 . LEU A 1 47 ? -0.073  7.005   4.552   1.00 11.41 ? 46  LEU A CD2 1 
ATOM   358 N N   . THR A 1 48 ? -0.056  8.305   -1.524  1.00 17.19 ? 47  THR A N   1 
ATOM   359 C CA  . THR A 1 48 ? -0.596  8.891   -2.746  1.00 18.00 ? 47  THR A CA  1 
ATOM   360 C C   . THR A 1 48 ? -1.386  7.845   -3.527  1.00 17.33 ? 47  THR A C   1 
ATOM   361 O O   . THR A 1 48 ? -1.154  6.613   -3.384  1.00 18.57 ? 47  THR A O   1 
ATOM   362 C CB  . THR A 1 48 ? 0.632   9.434   -3.616  1.00 20.92 ? 47  THR A CB  1 
ATOM   363 O OG1 . THR A 1 48 ? 1.304   10.470  -2.827  1.00 26.11 ? 47  THR A OG1 1 
ATOM   364 C CG2 . THR A 1 48 ? 0.244   9.972   -4.985  1.00 23.07 ? 47  THR A CG2 1 
ATOM   365 N N   . MET A 1 49 ? -2.268  8.319   -4.370  1.00 14.97 ? 48  MET A N   1 
ATOM   366 C CA  . MET A 1 49 ? -3.130  7.471   -5.202  1.00 15.43 ? 48  MET A CA  1 
ATOM   367 C C   . MET A 1 49 ? -3.409  6.171   -4.420  1.00 12.80 ? 48  MET A C   1 
ATOM   368 O O   . MET A 1 49 ? -3.741  6.263   -3.258  1.00 11.82 ? 48  MET A O   1 
ATOM   369 C CB  . MET A 1 49 ? -2.616  7.242   -6.608  1.00 16.53 ? 48  MET A CB  1 
ATOM   370 C CG  . MET A 1 49 ? -2.178  8.505   -7.307  1.00 18.58 ? 48  MET A CG  1 
ATOM   371 S SD  . MET A 1 49 ? -3.629  9.193   -8.216  1.00 19.05 ? 48  MET A SD  1 
ATOM   372 C CE  . MET A 1 49 ? -2.826  10.641  -8.972  1.00 16.21 ? 48  MET A CE  1 
ATOM   373 N N   . ASN A 1 50 ? -3.316  5.053   -5.057  1.00 11.47 ? 49  ASN A N   1 
ATOM   374 C CA  . ASN A 1 50 ? -3.538  3.740   -4.454  1.00 13.99 ? 49  ASN A CA  1 
ATOM   375 C C   . ASN A 1 50 ? -2.306  2.833   -4.630  1.00 12.46 ? 49  ASN A C   1 
ATOM   376 O O   . ASN A 1 50 ? -2.583  1.645   -4.898  1.00 13.36 ? 49  ASN A O   1 
ATOM   377 C CB  . ASN A 1 50 ? -4.726  3.071   -5.148  1.00 12.54 ? 49  ASN A CB  1 
ATOM   378 C CG  . ASN A 1 50 ? -4.398  2.680   -6.584  1.00 13.29 ? 49  ASN A CG  1 
ATOM   379 O OD1 . ASN A 1 50 ? -3.486  3.220   -7.250  1.00 12.33 ? 49  ASN A OD1 1 
ATOM   380 N ND2 . ASN A 1 50 ? -5.187  1.715   -7.089  1.00 9.98  ? 49  ASN A ND2 1 
ATOM   381 N N   . TYR A 1 51 ? -1.096  3.381   -4.604  1.00 13.19 ? 50  TYR A N   1 
ATOM   382 C CA  . TYR A 1 51 ? 0.131   2.534   -4.753  1.00 9.52  ? 50  TYR A CA  1 
ATOM   383 C C   . TYR A 1 51 ? 0.487   1.906   -3.396  1.00 7.00  ? 50  TYR A C   1 
ATOM   384 O O   . TYR A 1 51 ? 0.311   2.495   -2.253  1.00 7.00  ? 50  TYR A O   1 
ATOM   385 C CB  . TYR A 1 51 ? 1.363   3.351   -5.239  1.00 9.31  ? 50  TYR A CB  1 
ATOM   386 C CG  . TYR A 1 51 ? 1.158   4.362   -6.321  1.00 8.02  ? 50  TYR A CG  1 
ATOM   387 C CD1 . TYR A 1 51 ? 0.667   3.945   -7.558  1.00 12.19 ? 50  TYR A CD1 1 
ATOM   388 C CD2 . TYR A 1 51 ? 1.369   5.730   -6.171  1.00 9.09  ? 50  TYR A CD2 1 
ATOM   389 C CE1 . TYR A 1 51 ? 0.437   4.843   -8.580  1.00 13.14 ? 50  TYR A CE1 1 
ATOM   390 C CE2 . TYR A 1 51 ? 1.157   6.638   -7.186  1.00 7.53  ? 50  TYR A CE2 1 
ATOM   391 C CZ  . TYR A 1 51 ? 0.654   6.201   -8.398  1.00 12.59 ? 50  TYR A CZ  1 
ATOM   392 O OH  . TYR A 1 51 ? 0.396   6.968   -9.507  1.00 7.24  ? 50  TYR A OH  1 
ATOM   393 N N   . CYS A 1 52 ? 1.128   0.815   -3.498  1.00 7.00  ? 51  CYS A N   1 
ATOM   394 C CA  . CYS A 1 52 ? 1.719   0.069   -2.367  1.00 7.32  ? 51  CYS A CA  1 
ATOM   395 C C   . CYS A 1 52 ? 2.729   0.979   -1.654  1.00 9.11  ? 51  CYS A C   1 
ATOM   396 O O   . CYS A 1 52 ? 3.529   1.654   -2.320  1.00 7.00  ? 51  CYS A O   1 
ATOM   397 C CB  . CYS A 1 52 ? 2.390   -1.179  -2.921  1.00 11.67 ? 51  CYS A CB  1 
ATOM   398 S SG  . CYS A 1 52 ? 1.285   -2.165  -4.021  1.00 14.34 ? 51  CYS A SG  1 
ATOM   399 N N   . ARG A 1 53 ? 2.634   1.054   -0.329  1.00 7.56  ? 52  ARG A N   1 
ATOM   400 C CA  . ARG A 1 53 ? 3.541   1.836   0.511   1.00 9.48  ? 52  ARG A CA  1 
ATOM   401 C C   . ARG A 1 53 ? 3.843   1.136   1.832   1.00 9.38  ? 52  ARG A C   1 
ATOM   402 O O   . ARG A 1 53 ? 3.310   0.045   2.078   1.00 9.36  ? 52  ARG A O   1 
ATOM   403 C CB  . ARG A 1 53 ? 2.803   3.189   0.866   1.00 8.86  ? 52  ARG A CB  1 
ATOM   404 C CG  . ARG A 1 53 ? 2.716   4.051   -0.416  1.00 8.01  ? 52  ARG A CG  1 
ATOM   405 C CD  . ARG A 1 53 ? 4.148   4.426   -0.770  1.00 7.00  ? 52  ARG A CD  1 
ATOM   406 N NE  . ARG A 1 53 ? 4.196   5.062   -2.047  1.00 8.48  ? 52  ARG A NE  1 
ATOM   407 C CZ  . ARG A 1 53 ? 4.423   4.859   -3.306  1.00 8.54  ? 52  ARG A CZ  1 
ATOM   408 N NH1 . ARG A 1 53 ? 4.858   3.725   -3.877  1.00 7.79  ? 52  ARG A NH1 1 
ATOM   409 N NH2 . ARG A 1 53 ? 4.329   5.921   -4.128  1.00 11.09 ? 52  ARG A NH2 1 
ATOM   410 N N   . ASN A 1 54 ? 4.542   1.778   2.739   1.00 10.86 ? 53  ASN A N   1 
ATOM   411 C CA  . ASN A 1 54 ? 4.753   1.224   4.097   1.00 11.91 ? 53  ASN A CA  1 
ATOM   412 C C   . ASN A 1 54 ? 4.791   2.361   5.125   1.00 14.03 ? 53  ASN A C   1 
ATOM   413 O O   . ASN A 1 54 ? 5.897   2.682   5.589   1.00 16.46 ? 53  ASN A O   1 
ATOM   414 C CB  . ASN A 1 54 ? 5.953   0.307   4.157   1.00 12.95 ? 53  ASN A CB  1 
ATOM   415 C CG  . ASN A 1 54 ? 6.031   -0.758  5.225   1.00 12.20 ? 53  ASN A CG  1 
ATOM   416 O OD1 . ASN A 1 54 ? 5.091   -0.969  5.997   1.00 11.33 ? 53  ASN A OD1 1 
ATOM   417 N ND2 . ASN A 1 54 ? 7.128   -1.546  5.251   1.00 7.02  ? 53  ASN A ND2 1 
ATOM   418 N N   . PRO A 1 55 ? 3.642   2.910   5.517   1.00 15.31 ? 54  PRO A N   1 
ATOM   419 C CA  . PRO A 1 55 ? 3.556   3.946   6.540   1.00 14.01 ? 54  PRO A CA  1 
ATOM   420 C C   . PRO A 1 55 ? 3.790   3.350   7.925   1.00 14.91 ? 54  PRO A C   1 
ATOM   421 O O   . PRO A 1 55 ? 4.078   4.206   8.789   1.00 18.44 ? 54  PRO A O   1 
ATOM   422 C CB  . PRO A 1 55 ? 2.111   4.435   6.559   1.00 13.55 ? 54  PRO A CB  1 
ATOM   423 C CG  . PRO A 1 55 ? 1.347   3.541   5.620   1.00 13.55 ? 54  PRO A CG  1 
ATOM   424 C CD  . PRO A 1 55 ? 2.313   2.618   4.936   1.00 15.13 ? 54  PRO A CD  1 
ATOM   425 N N   . ASP A 1 56 ? 3.503   2.074   8.122   1.00 16.33 ? 55  ASP A N   1 
ATOM   426 C CA  . ASP A 1 56 ? 3.640   1.390   9.389   1.00 18.00 ? 55  ASP A CA  1 
ATOM   427 C C   . ASP A 1 56 ? 4.978   0.698   9.650   1.00 18.05 ? 55  ASP A C   1 
ATOM   428 O O   . ASP A 1 56 ? 4.946   -0.040  10.683  1.00 22.30 ? 55  ASP A O   1 
ATOM   429 C CB  . ASP A 1 56 ? 2.519   0.426   9.808   1.00 19.93 ? 55  ASP A CB  1 
ATOM   430 C CG  . ASP A 1 56 ? 1.558   -0.236  8.905   1.00 17.42 ? 55  ASP A CG  1 
ATOM   431 O OD1 . ASP A 1 56 ? 0.499   0.320   8.513   1.00 24.81 ? 55  ASP A OD1 1 
ATOM   432 O OD2 . ASP A 1 56 ? 1.747   -1.371  8.502   1.00 14.51 ? 55  ASP A OD2 1 
ATOM   433 N N   . ALA A 1 57 ? 6.051   0.718   8.933   1.00 18.26 ? 56  ALA A N   1 
ATOM   434 C CA  . ALA A 1 57 ? 7.208   -0.108  9.432   1.00 20.74 ? 56  ALA A CA  1 
ATOM   435 C C   . ALA A 1 57 ? 6.915   -1.620  9.389   1.00 18.94 ? 56  ALA A C   1 
ATOM   436 O O   . ALA A 1 57 ? 7.668   -2.417  9.989   1.00 17.50 ? 56  ALA A O   1 
ATOM   437 C CB  . ALA A 1 57 ? 7.727   0.188   10.818  1.00 18.29 ? 56  ALA A CB  1 
ATOM   438 N N   . ASP A 1 58 ? 5.975   -1.976  8.552   1.00 20.16 ? 57  ASP A N   1 
ATOM   439 C CA  . ASP A 1 58 ? 5.685   -3.436  8.339   1.00 21.76 ? 57  ASP A CA  1 
ATOM   440 C C   . ASP A 1 58 ? 6.946   -3.973  7.646   1.00 21.85 ? 57  ASP A C   1 
ATOM   441 O O   . ASP A 1 58 ? 7.873   -3.165  7.327   1.00 21.76 ? 57  ASP A O   1 
ATOM   442 C CB  . ASP A 1 58 ? 4.332   -3.525  7.628   1.00 22.31 ? 57  ASP A CB  1 
ATOM   443 C CG  . ASP A 1 58 ? 3.668   -4.882  7.725   1.00 22.71 ? 57  ASP A CG  1 
ATOM   444 O OD1 . ASP A 1 58 ? 4.389   -5.852  8.066   1.00 26.22 ? 57  ASP A OD1 1 
ATOM   445 O OD2 . ASP A 1 58 ? 2.484   -5.080  7.486   1.00 23.57 ? 57  ASP A OD2 1 
ATOM   446 N N   . LYS A 1 59 ? 6.955   -5.290  7.380   1.00 22.09 ? 58  LYS A N   1 
ATOM   447 C CA  . LYS A 1 59 ? 8.033   -5.981  6.705   1.00 18.78 ? 58  LYS A CA  1 
ATOM   448 C C   . LYS A 1 59 ? 8.134   -5.729  5.201   1.00 16.32 ? 58  LYS A C   1 
ATOM   449 O O   . LYS A 1 59 ? 9.212   -5.935  4.580   1.00 15.09 ? 58  LYS A O   1 
ATOM   450 C CB  . LYS A 1 59 ? 8.160   -7.434  7.017   1.00 22.01 ? 58  LYS A CB  1 
ATOM   451 C CG  . LYS A 1 59 ? 7.086   -8.152  7.813   1.00 26.92 ? 58  LYS A CG  1 
ATOM   452 C CD  . LYS A 1 59 ? 7.026   -9.626  7.429   1.00 23.66 ? 58  LYS A CD  1 
ATOM   453 C CE  . LYS A 1 59 ? 6.740   -9.905  5.973   1.00 26.66 ? 58  LYS A CE  1 
ATOM   454 N NZ  . LYS A 1 59 ? 6.282   -11.337 5.775   1.00 24.65 ? 58  LYS A NZ  1 
ATOM   455 N N   . GLY A 1 60 ? 7.111   -5.233  4.587   1.00 14.66 ? 60  GLY A N   1 
ATOM   456 C CA  . GLY A 1 60 ? 7.050   -4.912  3.156   1.00 13.47 ? 60  GLY A CA  1 
ATOM   457 C C   . GLY A 1 60 ? 5.825   -4.057  2.818   1.00 12.41 ? 60  GLY A C   1 
ATOM   458 O O   . GLY A 1 60 ? 4.938   -3.830  3.673   1.00 14.87 ? 60  GLY A O   1 
ATOM   459 N N   . PRO A 1 61 ? 5.824   -3.580  1.579   1.00 12.57 ? 61  PRO A N   1 
ATOM   460 C CA  . PRO A 1 61 ? 4.765   -2.704  1.052   1.00 12.15 ? 61  PRO A CA  1 
ATOM   461 C C   . PRO A 1 61 ? 3.434   -3.451  0.960   1.00 11.78 ? 61  PRO A C   1 
ATOM   462 O O   . PRO A 1 61 ? 3.395   -4.688  0.723   1.00 12.89 ? 61  PRO A O   1 
ATOM   463 C CB  . PRO A 1 61 ? 5.203   -2.262  -0.330  1.00 12.44 ? 61  PRO A CB  1 
ATOM   464 C CG  . PRO A 1 61 ? 6.515   -2.886  -0.598  1.00 13.35 ? 61  PRO A CG  1 
ATOM   465 C CD  . PRO A 1 61 ? 6.896   -3.771  0.571   1.00 13.48 ? 61  PRO A CD  1 
ATOM   466 N N   . TRP A 1 62 ? 2.384   -2.670  1.125   1.00 9.50  ? 62  TRP A N   1 
ATOM   467 C CA  . TRP A 1 62 ? 1.006   -3.177  1.120   1.00 10.77 ? 62  TRP A CA  1 
ATOM   468 C C   . TRP A 1 62 ? 0.038   -1.999  0.827   1.00 11.37 ? 62  TRP A C   1 
ATOM   469 O O   . TRP A 1 62 ? 0.448   -0.829  0.666   1.00 10.10 ? 62  TRP A O   1 
ATOM   470 C CB  . TRP A 1 62 ? 0.756   -3.771  2.509   1.00 7.00  ? 62  TRP A CB  1 
ATOM   471 C CG  . TRP A 1 62 ? 0.860   -2.805  3.633   1.00 13.20 ? 62  TRP A CG  1 
ATOM   472 C CD1 . TRP A 1 62 ? 2.000   -2.404  4.310   1.00 11.96 ? 62  TRP A CD1 1 
ATOM   473 C CD2 . TRP A 1 62 ? -0.203  -2.070  4.238   1.00 14.78 ? 62  TRP A CD2 1 
ATOM   474 N NE1 . TRP A 1 62 ? 1.699   -1.509  5.296   1.00 10.05 ? 62  TRP A NE1 1 
ATOM   475 C CE2 . TRP A 1 62 ? 0.338   -1.260  5.262   1.00 15.47 ? 62  TRP A CE2 1 
ATOM   476 C CE3 . TRP A 1 62 ? -1.590  -1.960  3.922   1.00 21.49 ? 62  TRP A CE3 1 
ATOM   477 C CZ2 . TRP A 1 62 ? -0.436  -0.354  5.977   1.00 10.17 ? 62  TRP A CZ2 1 
ATOM   478 C CZ3 . TRP A 1 62 ? -2.406  -1.117  4.649   1.00 11.83 ? 62  TRP A CZ3 1 
ATOM   479 C CH2 . TRP A 1 62 ? -1.795  -0.295  5.626   1.00 17.65 ? 62  TRP A CH2 1 
ATOM   480 N N   . CYS A 1 63 ? -1.226  -2.390  0.786   1.00 9.96  ? 63  CYS A N   1 
ATOM   481 C CA  . CYS A 1 63 ? -2.337  -1.421  0.678   1.00 13.56 ? 63  CYS A CA  1 
ATOM   482 C C   . CYS A 1 63 ? -3.651  -2.038  1.176   1.00 13.99 ? 63  CYS A C   1 
ATOM   483 O O   . CYS A 1 63 ? -3.865  -3.251  1.216   1.00 14.79 ? 63  CYS A O   1 
ATOM   484 C CB  . CYS A 1 63 ? -2.542  -0.965  -0.767  1.00 9.87  ? 63  CYS A CB  1 
ATOM   485 S SG  . CYS A 1 63 ? -2.798  -2.470  -1.783  1.00 12.68 ? 63  CYS A SG  1 
ATOM   486 N N   . PHE A 1 64 ? -4.574  -1.121  1.438   1.00 16.36 ? 64  PHE A N   1 
ATOM   487 C CA  . PHE A 1 64 ? -5.994  -1.562  1.705   1.00 16.12 ? 64  PHE A CA  1 
ATOM   488 C C   . PHE A 1 64 ? -6.486  -2.119  0.368   1.00 13.75 ? 64  PHE A C   1 
ATOM   489 O O   . PHE A 1 64 ? -5.967  -1.807  -0.712  1.00 15.31 ? 64  PHE A O   1 
ATOM   490 C CB  . PHE A 1 64 ? -6.808  -0.404  2.262   1.00 17.00 ? 64  PHE A CB  1 
ATOM   491 C CG  . PHE A 1 64 ? -6.334  -0.034  3.681   1.00 18.34 ? 64  PHE A CG  1 
ATOM   492 C CD1 . PHE A 1 64 ? -6.729  -0.837  4.737   1.00 7.84  ? 64  PHE A CD1 1 
ATOM   493 C CD2 . PHE A 1 64 ? -5.468  1.054   3.862   1.00 15.95 ? 64  PHE A CD2 1 
ATOM   494 C CE1 . PHE A 1 64 ? -6.352  -0.458  6.015   1.00 17.15 ? 64  PHE A CE1 1 
ATOM   495 C CE2 . PHE A 1 64 ? -5.088  1.439   5.169   1.00 17.50 ? 64  PHE A CE2 1 
ATOM   496 C CZ  . PHE A 1 64 ? -5.496  0.641   6.236   1.00 14.63 ? 64  PHE A CZ  1 
ATOM   497 N N   . THR A 1 65 ? -7.424  -3.027  0.397   1.00 15.12 ? 65  THR A N   1 
ATOM   498 C CA  . THR A 1 65 ? -8.028  -3.669  -0.782  1.00 13.69 ? 65  THR A CA  1 
ATOM   499 C C   . THR A 1 65 ? -9.436  -3.135  -1.065  1.00 14.40 ? 65  THR A C   1 
ATOM   500 O O   . THR A 1 65 ? -10.230 -3.063  -0.119  1.00 12.82 ? 65  THR A O   1 
ATOM   501 C CB  . THR A 1 65 ? -8.146  -5.218  -0.499  1.00 16.86 ? 65  THR A CB  1 
ATOM   502 O OG1 . THR A 1 65 ? -6.755  -5.688  -0.290  1.00 20.52 ? 65  THR A OG1 1 
ATOM   503 C CG2 . THR A 1 65 ? -9.083  -5.977  -1.388  1.00 7.09  ? 65  THR A CG2 1 
ATOM   504 N N   . THR A 1 66 ? -9.726  -3.021  -2.366  1.00 15.35 ? 66  THR A N   1 
ATOM   505 C CA  . THR A 1 66 ? -11.093 -2.676  -2.799  1.00 16.07 ? 66  THR A CA  1 
ATOM   506 C C   . THR A 1 66 ? -12.082 -3.834  -2.628  1.00 17.85 ? 66  THR A C   1 
ATOM   507 O O   . THR A 1 66 ? -13.286 -3.681  -2.929  1.00 20.84 ? 66  THR A O   1 
ATOM   508 C CB  . THR A 1 66 ? -11.137 -2.060  -4.218  1.00 9.64  ? 66  THR A CB  1 
ATOM   509 O OG1 . THR A 1 66 ? -10.660 -3.138  -5.111  1.00 17.39 ? 66  THR A OG1 1 
ATOM   510 C CG2 . THR A 1 66 ? -10.354 -0.756  -4.436  1.00 10.24 ? 66  THR A CG2 1 
ATOM   511 N N   . ASP A 1 67 ? -11.669 -4.985  -2.154  1.00 19.93 ? 67  ASP A N   1 
ATOM   512 C CA  . ASP A 1 67 ? -12.542 -6.147  -1.839  1.00 18.46 ? 67  ASP A CA  1 
ATOM   513 C C   . ASP A 1 67 ? -13.094 -5.861  -0.437  1.00 17.08 ? 67  ASP A C   1 
ATOM   514 O O   . ASP A 1 67 ? -12.287 -5.913  0.525   1.00 17.57 ? 67  ASP A O   1 
ATOM   515 C CB  . ASP A 1 67 ? -11.713 -7.456  -1.787  1.00 20.71 ? 67  ASP A CB  1 
ATOM   516 C CG  . ASP A 1 67 ? -12.603 -8.677  -1.652  1.00 22.07 ? 67  ASP A CG  1 
ATOM   517 O OD1 . ASP A 1 67 ? -13.593 -8.565  -0.874  1.00 21.45 ? 67  ASP A OD1 1 
ATOM   518 O OD2 . ASP A 1 67 ? -12.339 -9.698  -2.285  1.00 24.81 ? 67  ASP A OD2 1 
ATOM   519 N N   . PRO A 1 68 ? -14.372 -5.583  -0.350  1.00 16.43 ? 68  PRO A N   1 
ATOM   520 C CA  . PRO A 1 68 ? -14.996 -5.228  0.930   1.00 14.42 ? 68  PRO A CA  1 
ATOM   521 C C   . PRO A 1 68 ? -14.656 -6.250  1.972   1.00 15.52 ? 68  PRO A C   1 
ATOM   522 O O   . PRO A 1 68 ? -14.341 -5.949  3.140   1.00 16.33 ? 68  PRO A O   1 
ATOM   523 C CB  . PRO A 1 68 ? -16.455 -5.011  0.646   1.00 16.22 ? 68  PRO A CB  1 
ATOM   524 C CG  . PRO A 1 68 ? -16.664 -5.194  -0.825  1.00 17.64 ? 68  PRO A CG  1 
ATOM   525 C CD  . PRO A 1 68 ? -15.329 -5.566  -1.467  1.00 18.68 ? 68  PRO A CD  1 
ATOM   526 N N   . SER A 1 69 ? -14.578 -7.498  1.512   1.00 14.67 ? 69  SER A N   1 
ATOM   527 C CA  . SER A 1 69 ? -14.228 -8.653  2.329   1.00 14.73 ? 69  SER A CA  1 
ATOM   528 C C   . SER A 1 69 ? -12.772 -8.718  2.750   1.00 14.62 ? 69  SER A C   1 
ATOM   529 O O   . SER A 1 69 ? -12.450 -9.313  3.810   1.00 10.77 ? 69  SER A O   1 
ATOM   530 C CB  . SER A 1 69 ? -14.719 -9.946  1.615   1.00 18.66 ? 69  SER A CB  1 
ATOM   531 O OG  . SER A 1 69 ? -16.162 -9.771  1.211   1.00 21.72 ? 69  SER A OG  1 
ATOM   532 N N   . VAL A 1 70 ? -11.829 -8.142  1.973   1.00 14.95 ? 70  VAL A N   1 
ATOM   533 C CA  . VAL A 1 70 ? -10.396 -8.239  2.386   1.00 14.08 ? 70  VAL A CA  1 
ATOM   534 C C   . VAL A 1 70 ? -9.845  -6.851  2.673   1.00 14.27 ? 70  VAL A C   1 
ATOM   535 O O   . VAL A 1 70 ? -9.469  -6.136  1.717   1.00 15.49 ? 70  VAL A O   1 
ATOM   536 C CB  . VAL A 1 70 ? -9.549  -9.099  1.425   1.00 13.14 ? 70  VAL A CB  1 
ATOM   537 C CG1 . VAL A 1 70 ? -8.018  -8.917  1.601   1.00 12.65 ? 70  VAL A CG1 1 
ATOM   538 C CG2 . VAL A 1 70 ? -9.797  -10.584 1.609   1.00 9.65  ? 70  VAL A CG2 1 
ATOM   539 N N   . ARG A 1 71 ? -9.721  -6.543  3.942   1.00 13.48 ? 71  ARG A N   1 
ATOM   540 C CA  . ARG A 1 71 ? -9.280  -5.208  4.398   1.00 13.52 ? 71  ARG A CA  1 
ATOM   541 C C   . ARG A 1 71 ? -7.916  -4.848  3.817   1.00 14.07 ? 71  ARG A C   1 
ATOM   542 O O   . ARG A 1 71 ? -7.842  -3.768  3.211   1.00 11.04 ? 71  ARG A O   1 
ATOM   543 C CB  . ARG A 1 71 ? -9.245  -5.036  5.912   1.00 11.82 ? 71  ARG A CB  1 
ATOM   544 C CG  . ARG A 1 71 ? -8.933  -3.623  6.415   1.00 14.46 ? 71  ARG A CG  1 
ATOM   545 C CD  . ARG A 1 71 ? -8.829  -3.582  7.886   1.00 11.86 ? 71  ARG A CD  1 
ATOM   546 N NE  . ARG A 1 71 ? -8.370  -2.288  8.431   1.00 12.91 ? 71  ARG A NE  1 
ATOM   547 C CZ  . ARG A 1 71 ? -9.191  -1.223  8.298   1.00 15.14 ? 71  ARG A CZ  1 
ATOM   548 N NH1 . ARG A 1 71 ? -10.345 -1.259  7.613   1.00 15.29 ? 71  ARG A NH1 1 
ATOM   549 N NH2 . ARG A 1 71 ? -8.892  -0.088  8.918   1.00 12.28 ? 71  ARG A NH2 1 
ATOM   550 N N   . TRP A 1 72 ? -6.931  -5.724  4.003   1.00 14.36 ? 72  TRP A N   1 
ATOM   551 C CA  . TRP A 1 72 ? -5.572  -5.420  3.524   1.00 16.49 ? 72  TRP A CA  1 
ATOM   552 C C   . TRP A 1 72 ? -4.743  -6.661  3.198   1.00 18.54 ? 72  TRP A C   1 
ATOM   553 O O   . TRP A 1 72 ? -4.872  -7.744  3.791   1.00 17.74 ? 72  TRP A O   1 
ATOM   554 C CB  . TRP A 1 72 ? -4.850  -4.559  4.583   1.00 11.29 ? 72  TRP A CB  1 
ATOM   555 C CG  . TRP A 1 72 ? -4.127  -5.379  5.597   1.00 9.35  ? 72  TRP A CG  1 
ATOM   556 C CD1 . TRP A 1 72 ? -4.603  -5.791  6.822   1.00 7.67  ? 72  TRP A CD1 1 
ATOM   557 C CD2 . TRP A 1 72 ? -2.779  -5.852  5.493   1.00 10.72 ? 72  TRP A CD2 1 
ATOM   558 N NE1 . TRP A 1 72 ? -3.596  -6.457  7.484   1.00 12.81 ? 72  TRP A NE1 1 
ATOM   559 C CE2 . TRP A 1 72 ? -2.484  -6.540  6.682   1.00 13.47 ? 72  TRP A CE2 1 
ATOM   560 C CE3 . TRP A 1 72 ? -1.791  -5.752  4.506   1.00 12.22 ? 72  TRP A CE3 1 
ATOM   561 C CZ2 . TRP A 1 72 ? -1.266  -7.193  6.877   1.00 14.99 ? 72  TRP A CZ2 1 
ATOM   562 C CZ3 . TRP A 1 72 ? -0.540  -6.309  4.720   1.00 9.54  ? 72  TRP A CZ3 1 
ATOM   563 C CH2 . TRP A 1 72 ? -0.321  -7.074  5.866   1.00 12.68 ? 72  TRP A CH2 1 
ATOM   564 N N   . GLU A 1 73 ? -3.826  -6.410  2.280   1.00 20.40 ? 73  GLU A N   1 
ATOM   565 C CA  . GLU A 1 73 ? -2.864  -7.366  1.764   1.00 22.06 ? 73  GLU A CA  1 
ATOM   566 C C   . GLU A 1 73 ? -1.498  -6.758  1.412   1.00 22.22 ? 73  GLU A C   1 
ATOM   567 O O   . GLU A 1 73 ? -1.351  -5.542  1.096   1.00 20.98 ? 73  GLU A O   1 
ATOM   568 C CB  . GLU A 1 73 ? -3.352  -8.020  0.448   1.00 25.46 ? 73  GLU A CB  1 
ATOM   569 C CG  . GLU A 1 73 ? -4.219  -9.290  0.645   1.00 30.39 ? 73  GLU A CG  1 
ATOM   570 C CD  . GLU A 1 73 ? -4.743  -9.842  -0.641  1.00 30.98 ? 73  GLU A CD  1 
ATOM   571 O OE1 . GLU A 1 73 ? -3.842  -10.032 -1.470  1.00 33.75 ? 73  GLU A OE1 1 
ATOM   572 O OE2 . GLU A 1 73 ? -5.910  -10.014 -0.914  1.00 35.00 ? 73  GLU A OE2 1 
ATOM   573 N N   . TYR A 1 74 ? -0.558  -7.692  1.371   1.00 19.94 ? 74  TYR A N   1 
ATOM   574 C CA  . TYR A 1 74 ? 0.816   -7.352  0.935   1.00 17.82 ? 74  TYR A CA  1 
ATOM   575 C C   . TYR A 1 74 ? 0.750   -7.150  -0.573  1.00 17.72 ? 74  TYR A C   1 
ATOM   576 O O   . TYR A 1 74 ? -0.205  -7.535  -1.275  1.00 13.75 ? 74  TYR A O   1 
ATOM   577 C CB  . TYR A 1 74 ? 1.857   -8.376  1.361   1.00 18.12 ? 74  TYR A CB  1 
ATOM   578 C CG  . TYR A 1 74 ? 2.294   -8.296  2.821   1.00 18.54 ? 74  TYR A CG  1 
ATOM   579 C CD1 . TYR A 1 74 ? 2.759   -7.067  3.333   1.00 17.85 ? 74  TYR A CD1 1 
ATOM   580 C CD2 . TYR A 1 74 ? 2.278   -9.395  3.678   1.00 15.74 ? 74  TYR A CD2 1 
ATOM   581 C CE1 . TYR A 1 74 ? 3.208   -6.928  4.636   1.00 17.17 ? 74  TYR A CE1 1 
ATOM   582 C CE2 . TYR A 1 74 ? 2.754   -9.275  4.987   1.00 20.36 ? 74  TYR A CE2 1 
ATOM   583 C CZ  . TYR A 1 74 ? 3.185   -8.035  5.471   1.00 17.57 ? 74  TYR A CZ  1 
ATOM   584 O OH  . TYR A 1 74 ? 3.662   -7.965  6.752   1.00 22.05 ? 74  TYR A OH  1 
ATOM   585 N N   . CYS A 1 75 ? 1.787   -6.400  -1.019  1.00 18.65 ? 75  CYS A N   1 
ATOM   586 C CA  . CYS A 1 75 ? 1.783   -6.048  -2.466  1.00 18.64 ? 75  CYS A CA  1 
ATOM   587 C C   . CYS A 1 75 ? 2.407   -7.077  -3.366  1.00 16.74 ? 75  CYS A C   1 
ATOM   588 O O   . CYS A 1 75 ? 3.106   -8.001  -2.902  1.00 16.74 ? 75  CYS A O   1 
ATOM   589 C CB  . CYS A 1 75 ? 2.159   -4.570  -2.514  1.00 17.07 ? 75  CYS A CB  1 
ATOM   590 S SG  . CYS A 1 75 ? 0.605   -3.523  -2.626  1.00 23.31 ? 75  CYS A SG  1 
ATOM   591 N N   . ASN A 1 76 ? 2.176   -7.006  -4.681  1.00 16.92 ? 76  ASN A N   1 
ATOM   592 C CA  . ASN A 1 76 ? 2.812   -8.034  -5.544  1.00 21.32 ? 76  ASN A CA  1 
ATOM   593 C C   . ASN A 1 76 ? 4.244   -7.670  -5.954  1.00 21.39 ? 76  ASN A C   1 
ATOM   594 O O   . ASN A 1 76 ? 4.729   -8.132  -7.002  1.00 24.19 ? 76  ASN A O   1 
ATOM   595 C CB  . ASN A 1 76 ? 2.007   -8.496  -6.743  1.00 21.83 ? 76  ASN A CB  1 
ATOM   596 C CG  . ASN A 1 76 ? 2.293   -9.962  -7.058  1.00 24.26 ? 76  ASN A CG  1 
ATOM   597 O OD1 . ASN A 1 76 ? 1.513   -10.471 -7.862  1.00 27.71 ? 76  ASN A OD1 1 
ATOM   598 N ND2 . ASN A 1 76 ? 3.281   -10.652 -6.487  1.00 24.78 ? 76  ASN A ND2 1 
ATOM   599 N N   . LEU A 1 77 ? 4.923   -6.952  -5.112  1.00 21.29 ? 77  LEU A N   1 
ATOM   600 C CA  . LEU A 1 77 ? 6.283   -6.487  -5.323  1.00 18.91 ? 77  LEU A CA  1 
ATOM   601 C C   . LEU A 1 77 ? 7.269   -7.521  -4.772  1.00 18.86 ? 77  LEU A C   1 
ATOM   602 O O   . LEU A 1 77 ? 7.047   -8.287  -3.847  1.00 17.65 ? 77  LEU A O   1 
ATOM   603 C CB  . LEU A 1 77 ? 6.434   -5.120  -4.663  1.00 19.37 ? 77  LEU A CB  1 
ATOM   604 C CG  . LEU A 1 77 ? 6.551   -3.787  -5.349  1.00 15.11 ? 77  LEU A CG  1 
ATOM   605 C CD1 . LEU A 1 77 ? 7.753   -3.051  -4.776  1.00 12.07 ? 77  LEU A CD1 1 
ATOM   606 C CD2 . LEU A 1 77 ? 6.594   -3.924  -6.864  1.00 13.28 ? 77  LEU A CD2 1 
ATOM   607 N N   . LYS A 1 78 ? 8.410   -7.437  -5.426  1.00 22.64 ? 78  LYS A N   1 
ATOM   608 C CA  . LYS A 1 78 ? 9.575   -8.281  -5.090  1.00 24.37 ? 78  LYS A CA  1 
ATOM   609 C C   . LYS A 1 78 ? 10.707  -7.440  -4.521  1.00 24.40 ? 78  LYS A C   1 
ATOM   610 O O   . LYS A 1 78 ? 10.954  -6.259  -4.829  1.00 22.60 ? 78  LYS A O   1 
ATOM   611 C CB  . LYS A 1 78 ? 9.971   -8.978  -6.406  1.00 29.59 ? 78  LYS A CB  1 
ATOM   612 C CG  . LYS A 1 78 ? 8.732   -9.104  -7.341  1.00 28.85 ? 78  LYS A CG  1 
ATOM   613 C CD  . LYS A 1 78 ? 8.176   -10.523 -7.221  1.00 33.76 ? 78  LYS A CD  1 
ATOM   614 C CE  . LYS A 1 78 ? 9.251   -11.547 -7.485  1.00 33.12 ? 78  LYS A CE  1 
ATOM   615 N NZ  . LYS A 1 78 ? 8.927   -12.857 -6.854  1.00 35.00 ? 78  LYS A NZ  1 
ATOM   616 N N   . LYS A 1 79 ? 11.453  -8.121  -3.683  1.00 24.49 ? 79  LYS A N   1 
ATOM   617 C CA  . LYS A 1 79 ? 12.634  -7.645  -2.995  1.00 26.70 ? 79  LYS A CA  1 
ATOM   618 C C   . LYS A 1 79 ? 13.772  -7.130  -3.864  1.00 27.41 ? 79  LYS A C   1 
ATOM   619 O O   . LYS A 1 79 ? 14.777  -6.673  -3.231  1.00 30.31 ? 79  LYS A O   1 
ATOM   620 C CB  . LYS A 1 79 ? 13.149  -8.709  -2.018  1.00 25.80 ? 79  LYS A CB  1 
ATOM   621 C CG  . LYS A 1 79 ? 12.945  -8.299  -0.560  1.00 32.70 ? 79  LYS A CG  1 
ATOM   622 C CD  . LYS A 1 79 ? 13.930  -7.169  -0.230  1.00 31.80 ? 79  LYS A CD  1 
ATOM   623 C CE  . LYS A 1 79 ? 15.137  -7.771  0.474   1.00 34.29 ? 79  LYS A CE  1 
ATOM   624 N NZ  . LYS A 1 79 ? 16.219  -6.732  0.589   1.00 35.00 ? 79  LYS A NZ  1 
ATOM   625 N N   . CYS A 1 80 ? 13.725  -7.090  -5.175  1.00 26.50 ? 80  CYS A N   1 
ATOM   626 C CA  . CYS A 1 80 ? 14.801  -6.508  -5.999  1.00 25.43 ? 80  CYS A CA  1 
ATOM   627 C C   . CYS A 1 80 ? 15.938  -7.501  -6.198  1.00 24.62 ? 80  CYS A C   1 
ATOM   628 O O   . CYS A 1 80 ? 16.654  -7.854  -5.253  1.00 25.80 ? 80  CYS A O   1 
ATOM   629 C CB  . CYS A 1 80 ? 15.350  -5.187  -5.464  1.00 27.41 ? 80  CYS A CB  1 
ATOM   630 S SG  . CYS A 1 80 ? 14.695  -3.643  -6.196  1.00 28.77 ? 80  CYS A SG  1 
HETATM 631 C C   . ACA B 2 .  ? -5.114  -0.680  9.596   1.00 35.00 ? 100 ACA A C   1 
HETATM 632 O O   . ACA B 2 .  ? -4.723  0.469   9.906   1.00 35.00 ? 100 ACA A O   1 
HETATM 633 O OXT . ACA B 2 .  ? -6.316  -1.099  9.732   1.00 35.00 ? 100 ACA A OXT 1 
HETATM 634 C C2  . ACA B 2 .  ? -4.399  -1.360  8.414   1.00 35.00 ? 100 ACA A C2  1 
HETATM 635 C C3  . ACA B 2 .  ? -3.542  -2.516  8.947   1.00 35.00 ? 100 ACA A C3  1 
HETATM 636 C C4  . ACA B 2 .  ? -2.437  -2.844  7.897   1.00 31.34 ? 100 ACA A C4  1 
HETATM 637 C C5  . ACA B 2 .  ? -1.696  -4.099  8.266   1.00 34.63 ? 100 ACA A C5  1 
HETATM 638 C C6  . ACA B 2 .  ? -0.309  -4.221  7.677   1.00 34.19 ? 100 ACA A C6  1 
HETATM 639 N N   . ACA B 2 .  ? 0.565   -3.075  8.076   1.00 32.55 ? 100 ACA A N   1 
HETATM 640 O O   . HOH C 3 .  ? -3.474  10.821  -4.117  0.86 10.09 ? 101 HOH A O   1 
HETATM 641 O O   . HOH C 3 .  ? -1.264  -3.019  12.701  0.97 15.47 ? 102 HOH A O   1 
HETATM 642 O O   . HOH C 3 .  ? -16.876 -2.131  3.341   0.77 18.77 ? 103 HOH A O   1 
HETATM 643 O O   . HOH C 3 .  ? -4.410  6.405   13.458  1.00 11.01 ? 104 HOH A O   1 
HETATM 644 O O   . HOH C 3 .  ? -8.021  9.545   10.859  1.00 28.97 ? 105 HOH A O   1 
HETATM 645 O O   . HOH C 3 .  ? -8.782  13.374  8.454   0.92 26.25 ? 106 HOH A O   1 
HETATM 646 O O   . HOH C 3 .  ? 17.156  -5.195  6.148   0.57 7.00  ? 107 HOH A O   1 
HETATM 647 O O   . HOH C 3 .  ? 8.398   -7.022  -8.063  1.00 19.39 ? 108 HOH A O   1 
HETATM 648 O O   . HOH C 3 .  ? -7.028  10.825  8.538   1.00 20.34 ? 109 HOH A O   1 
HETATM 649 O O   . HOH C 3 .  ? 6.441   12.490  10.461  0.78 10.20 ? 110 HOH A O   1 
HETATM 650 O O   . HOH C 3 .  ? 0.432   -2.806  -9.860  0.92 12.34 ? 111 HOH A O   1 
HETATM 651 O O   . HOH C 3 .  ? 7.203   4.347   9.677   0.83 17.27 ? 112 HOH A O   1 
HETATM 652 O O   . HOH C 3 .  ? 9.268   2.169   13.236  0.39 8.53  ? 113 HOH A O   1 
HETATM 653 O O   . HOH C 3 .  ? 15.104  -8.243  5.756   0.75 12.57 ? 114 HOH A O   1 
HETATM 654 O O   . HOH C 3 .  ? -2.579  6.030   -10.202 0.99 22.07 ? 115 HOH A O   1 
HETATM 655 O O   . HOH C 3 .  ? 4.823   -6.648  -1.325  1.00 9.14  ? 116 HOH A O   1 
HETATM 656 O O   . HOH C 3 .  ? 5.627   4.430   2.553   1.00 7.00  ? 117 HOH A O   1 
HETATM 657 O O   . HOH C 3 .  ? 8.554   9.935   9.878   0.92 20.73 ? 118 HOH A O   1 
HETATM 658 O O   . HOH C 3 .  ? 11.773  7.088   2.400   0.74 16.89 ? 119 HOH A O   1 
HETATM 659 O O   . HOH C 3 .  ? 10.143  -2.631  9.687   0.98 32.78 ? 120 HOH A O   1 
HETATM 660 O O   . HOH C 3 .  ? 10.670  3.008   -5.390  0.77 8.66  ? 121 HOH A O   1 
HETATM 661 O O   . HOH C 3 .  ? -5.947  7.023   -6.561  0.75 11.77 ? 122 HOH A O   1 
HETATM 662 O O   . HOH C 3 .  ? 11.713  -7.991  3.767   0.76 14.97 ? 123 HOH A O   1 
HETATM 663 O O   . HOH C 3 .  ? 6.121   16.203  8.018   0.90 15.60 ? 124 HOH A O   1 
HETATM 664 O O   . HOH C 3 .  ? -5.760  -12.234 2.003   0.52 7.74  ? 125 HOH A O   1 
HETATM 665 O O   . HOH C 3 .  ? -0.339  1.957   -10.682 1.00 19.92 ? 126 HOH A O   1 
HETATM 666 O O   . HOH C 3 .  ? 17.372  -1.744  2.971   0.68 7.00  ? 127 HOH A O   1 
HETATM 667 O O   . HOH C 3 .  ? 2.641   10.407  11.683  0.39 7.00  ? 128 HOH A O   1 
HETATM 668 O O   . HOH C 3 .  ? -2.972  8.446   13.711  0.98 17.68 ? 129 HOH A O   1 
HETATM 669 O O   . HOH C 3 .  ? 5.453   -9.417  -1.475  0.51 28.89 ? 130 HOH A O   1 
HETATM 670 O O   . HOH C 3 .  ? 4.901   3.708   11.972  0.80 35.00 ? 131 HOH A O   1 
HETATM 671 O O   . HOH C 3 .  ? -13.230 -0.918  7.812   0.77 7.00  ? 132 HOH A O   1 
HETATM 672 O O   . HOH C 3 .  ? 4.621   10.015  9.233   0.91 31.49 ? 133 HOH A O   1 
HETATM 673 O O   . HOH C 3 .  ? -6.080  12.875  14.076  0.71 7.00  ? 134 HOH A O   1 
HETATM 674 O O   . HOH C 3 .  ? 0.391   14.616  -4.868  0.50 35.00 ? 135 HOH A O   1 
HETATM 675 O O   . HOH C 3 .  ? 3.473   -13.161 -3.526  0.92 30.46 ? 136 HOH A O   1 
HETATM 676 O O   . HOH C 3 .  ? 12.576  0.076   -1.571  0.84 10.91 ? 137 HOH A O   1 
HETATM 677 O O   . HOH C 3 .  ? 6.648   16.137  13.301  0.64 19.16 ? 138 HOH A O   1 
HETATM 678 O O   . HOH C 3 .  ? 9.138   -0.959  14.140  0.66 20.39 ? 139 HOH A O   1 
HETATM 679 O O   . HOH C 3 .  ? 15.707  -14.324 -4.694  0.75 7.00  ? 140 HOH A O   1 
HETATM 680 O O   . HOH C 3 .  ? 6.003   -8.943  -9.248  0.86 22.28 ? 141 HOH A O   1 
HETATM 681 O O   . HOH C 3 .  ? -5.994  5.385   -8.574  0.56 16.02 ? 142 HOH A O   1 
HETATM 682 O O   . HOH C 3 .  ? 6.654   2.767   0.582   0.86 7.00  ? 143 HOH A O   1 
HETATM 683 O O   . HOH C 3 .  ? 8.524   16.002  9.018   0.99 25.95 ? 144 HOH A O   1 
HETATM 684 O O   . HOH C 3 .  ? 13.330  -11.368 0.027   0.77 19.30 ? 145 HOH A O   1 
HETATM 685 O O   . HOH C 3 .  ? 2.961   9.022   -4.601  0.89 27.42 ? 146 HOH A O   1 
HETATM 686 O O   . HOH C 3 .  ? 7.258   0.622   -13.195 0.37 7.00  ? 147 HOH A O   1 
HETATM 687 O O   . HOH C 3 .  ? 11.572  1.175   -4.527  0.35 17.60 ? 148 HOH A O   1 
HETATM 688 O O   . HOH C 3 .  ? 20.320  -7.756  5.866   0.76 35.00 ? 149 HOH A O   1 
HETATM 689 O O   . HOH C 3 .  ? -1.349  -10.342 4.545   1.00 29.19 ? 150 HOH A O   1 
HETATM 690 O O   . HOH C 3 .  ? -6.568  8.442   -2.171  1.00 32.02 ? 151 HOH A O   1 
HETATM 691 O O   . HOH C 3 .  ? 12.132  4.616   6.989   0.85 7.01  ? 152 HOH A O   1 
HETATM 692 O O   . HOH C 3 .  ? -11.825 -6.700  5.797   0.58 13.76 ? 153 HOH A O   1 
HETATM 693 O O   . HOH C 3 .  ? 5.549   7.374   11.371  0.42 14.37 ? 154 HOH A O   1 
HETATM 694 O O   . HOH C 3 .  ? 10.660  -11.774 -3.986  0.56 24.11 ? 155 HOH A O   1 
HETATM 695 O O   . HOH C 3 .  ? -4.194  1.434   0.520   1.00 7.00  ? 156 HOH A O   1 
HETATM 696 O O   . HOH C 3 .  ? -6.460  -14.748 3.584   1.00 23.93 ? 157 HOH A O   1 
HETATM 697 O O   . HOH C 3 .  ? -4.549  -1.894  -9.248  1.00 14.55 ? 158 HOH A O   1 
HETATM 698 O O   . HOH C 3 .  ? 3.090   7.858   12.295  0.79 22.20 ? 159 HOH A O   1 
HETATM 699 O O   . HOH C 3 .  ? 8.859   6.333   -9.451  0.93 33.78 ? 160 HOH A O   1 
HETATM 700 O O   . HOH C 3 .  ? 20.933  -6.224  3.083   0.69 20.09 ? 161 HOH A O   1 
HETATM 701 O O   . HOH C 3 .  ? 3.543   -13.681 4.981   0.45 11.95 ? 162 HOH A O   1 
HETATM 702 O O   . HOH C 3 .  ? 5.166   -7.500  1.405   0.78 30.41 ? 163 HOH A O   1 
HETATM 703 O O   . HOH C 3 .  ? -15.241 -3.015  4.742   0.78 34.13 ? 164 HOH A O   1 
HETATM 704 O O   . HOH C 3 .  ? 7.846   -4.922  10.827  1.00 17.32 ? 165 HOH A O   1 
HETATM 705 O O   . HOH C 3 .  ? 3.568   -1.421  -11.298 0.59 7.00  ? 166 HOH A O   1 
HETATM 706 O O   . HOH C 3 .  ? 8.555   -11.415 -10.081 1.00 16.88 ? 167 HOH A O   1 
HETATM 707 O O   . HOH C 3 .  ? 14.759  -14.615 -1.144  0.43 7.00  ? 168 HOH A O   1 
HETATM 708 O O   . HOH C 3 .  ? 19.960  -1.359  1.156   0.66 13.68 ? 169 HOH A O   1 
HETATM 709 O O   . HOH C 3 .  ? -11.615 2.942   10.856  0.65 29.00 ? 170 HOH A O   1 
HETATM 710 O O   . HOH C 3 .  ? 13.615  2.788   -4.560  0.71 22.91 ? 171 HOH A O   1 
HETATM 711 O O   . HOH C 3 .  ? 5.560   7.139   7.641   0.91 19.83 ? 172 HOH A O   1 
HETATM 712 O O   . HOH C 3 .  ? 12.084  7.482   -0.321  0.68 7.00  ? 173 HOH A O   1 
HETATM 713 O O   . HOH C 3 .  ? 10.583  2.451   11.057  0.86 19.34 ? 174 HOH A O   1 
HETATM 714 O O   . HOH C 3 .  ? 19.998  -7.983  -4.854  0.50 21.47 ? 175 HOH A O   1 
HETATM 715 O O   . HOH C 3 .  ? 10.856  -9.810  4.789   0.88 30.78 ? 176 HOH A O   1 
HETATM 716 O O   . HOH C 3 .  ? 10.425  4.811   -7.233  0.74 25.41 ? 177 HOH A O   1 
HETATM 717 O O   . HOH C 3 .  ? 23.050  -7.199  7.348   0.42 19.20 ? 178 HOH A O   1 
HETATM 718 O O   . HOH C 3 .  ? -16.486 0.245   -1.224  0.50 13.24 ? 179 HOH A O   1 
HETATM 719 O O   . HOH C 3 .  ? 5.043   -2.573  -12.549 0.66 14.33 ? 180 HOH A O   1 
HETATM 720 O O   . HOH C 3 .  ? -12.975 -2.415  9.475   0.63 22.70 ? 181 HOH A O   1 
HETATM 721 O O   . HOH C 3 .  ? 5.610   -9.627  -11.471 0.48 7.00  ? 182 HOH A O   1 
HETATM 722 O O   . HOH C 3 .  ? 10.352  2.823   -8.134  0.59 8.02  ? 183 HOH A O   1 
HETATM 723 O O   . HOH C 3 .  ? 20.698  -7.337  8.217   0.61 35.00 ? 184 HOH A O   1 
HETATM 724 O O   . HOH C 3 .  ? 14.816  -17.109 0.564   0.71 26.99 ? 185 HOH A O   1 
HETATM 725 O O   . HOH C 3 .  ? 12.399  -14.310 0.039   0.48 7.68  ? 186 HOH A O   1 
HETATM 726 O O   . HOH C 3 .  ? 7.946   15.107  -0.070  0.93 17.95 ? 187 HOH A O   1 
HETATM 727 O O   . HOH C 3 .  ? 15.903  -10.703 1.659   0.41 7.00  ? 188 HOH A O   1 
HETATM 728 O O   . HOH C 3 .  ? 5.979   7.395   14.859  0.38 8.72  ? 189 HOH A O   1 
HETATM 729 O O   . HOH C 3 .  ? 13.438  0.866   12.372  0.70 12.57 ? 190 HOH A O   1 
HETATM 730 O O   . HOH C 3 .  ? 16.722  -8.934  -1.971  0.51 7.00  ? 191 HOH A O   1 
HETATM 731 O O   . HOH C 3 .  ? 11.383  -6.778  6.121   0.75 19.62 ? 192 HOH A O   1 
HETATM 732 O O   . HOH C 3 .  ? 18.272  -11.909 4.825   0.63 25.59 ? 193 HOH A O   1 
HETATM 733 O O   . HOH C 3 .  ? 7.861   4.635   17.177  0.89 34.18 ? 194 HOH A O   1 
HETATM 734 O O   . HOH C 3 .  ? 8.355   12.311  12.631  0.88 25.88 ? 195 HOH A O   1 
HETATM 735 O O   . HOH C 3 .  ? 16.723  -16.237 -5.342  0.97 14.51 ? 196 HOH A O   1 
HETATM 736 O O   . HOH C 3 .  ? -12.728 -5.134  7.592   0.79 26.39 ? 197 HOH A O   1 
HETATM 737 O O   . HOH C 3 .  ? -1.062  16.901  -4.645  0.63 18.96 ? 198 HOH A O   1 
HETATM 738 O O   . HOH C 3 .  ? 2.858   12.600  13.690  0.74 35.00 ? 199 HOH A O   1 
HETATM 739 O O   . HOH C 3 .  ? -3.700  10.996  -1.326  0.77 20.31 ? 200 HOH A O   1 
HETATM 740 O O   . HOH C 3 .  ? 10.938  14.418  8.556   0.48 27.88 ? 201 HOH A O   1 
HETATM 741 O O   . HOH C 3 .  ? 21.392  -3.267  7.142   0.77 33.40 ? 202 HOH A O   1 
HETATM 742 O O   . HOH C 3 .  ? 5.882   8.189   17.031  0.58 22.51 ? 203 HOH A O   1 
HETATM 743 O O   . HOH C 3 .  ? 14.525  4.835   7.783   0.70 24.65 ? 204 HOH A O   1 
HETATM 744 O O   . HOH C 3 .  ? 4.238   -5.609  -7.177  0.79 28.76 ? 205 HOH A O   1 
HETATM 745 O O   . HOH C 3 .  ? 4.590   -5.164  -9.680  0.66 26.72 ? 206 HOH A O   1 
# 
